data_5GQV
#
_entry.id   5GQV
#
_cell.length_a   134.126
_cell.length_b   134.126
_cell.length_c   184.325
_cell.angle_alpha   90.00
_cell.angle_beta   90.00
_cell.angle_gamma   90.00
#
_symmetry.space_group_name_H-M   'P 41 21 2'
#
loop_
_entity.id
_entity.type
_entity.pdbx_description
1 polymer '1,4-alpha-glucan branching enzyme GlgB'
2 branched alpha-D-glucopyranose-(1-4)-alpha-D-glucopyranose-(1-4)-alpha-D-glucopyranose-(1-4)-alpha-D-glucopyranose-(1-4)-alpha-D-glucopyranose-(1-4)-alpha-D-glucopyranose
3 branched alpha-D-glucopyranose-(1-4)-alpha-D-glucopyranose-(1-4)-alpha-D-glucopyranose-(1-4)-alpha-D-glucopyranose
4 branched alpha-D-glucopyranose-(1-4)-alpha-D-glucopyranose-(1-4)-alpha-D-glucopyranose
5 branched alpha-D-glucopyranose-(1-4)-alpha-D-glucopyranose-(1-4)-alpha-D-glucopyranose-(1-4)-alpha-D-glucopyranose-(1-4)-alpha-D-glucopyranose-(1-4)-alpha-D-glucopyranose-(1-4)-alpha-D-glucopyranose
6 non-polymer GLYCEROL
7 non-polymer 'MAGNESIUM ION'
8 water water
#
_entity_poly.entity_id   1
_entity_poly.type   'polypeptide(L)'
_entity_poly.pdbx_seq_one_letter_code
;MGSSHHHHHHSSGLVPRGSHMTTTISADQVNQIIYNLHHDPFEILGCHLLEEGKNTKKWVVRAYLPKAEAAWVIRPTERK
EDPMNSVHHPNFFECIIETPELNHYQLKVKEGEHEKVIYDPYAFSSPYLTDEDIYLFSEGNHHRIYEKLGAHVGEINGVK
GVYFAVWAPNARNVSVIGDFNNWDGREHQMRKRNYTIWELFVPEIGSGTVYKYEIKNSEGHIYEKSDPYGFYREVRPNTA
SIVVDIDNIYQWHDEEWLEKRRNSDPLKQPVSVYEVHLGSWLHGSSAEKMPLLNGEADPVIVSEWNPGARFLSYYELAEK
LIPYVKDMGYTHIELLPIAEHPFDGSWGYQVTGFYSPTSRFGRPEDFMYFVDKCHENGIGVILDWVPGHFPKDSHGLAYF
DGTHLYEHADPRIGEHKEWGTLVFNYGRHEVRNFLVANVLFWFDKYHVDGIRVDAVASMLYRNYLRKEGEWIANEYGGDE
HIEAVSFIREVNTLLFEYFPGILSIAEESTEWEKVSRPVYDGGLGFNLKWDMGWMHDMLDYFNIDPYFRQYHQNNVTFSM
LYYYNENFMLALSHDEIVHGKSNMLGKMPGDEWQKYANVRALFTYMYTHPGKKTMFMSMEFGQWSEWNVWGDLEWHLLQY
EPHQQLKQFFTDLNALYQQEPALYTHDFEYHGFEWIDCNDNTHSVVSFLRRSDDPNDSLVVVCNFTPQPHSHYRIGVPEA
GYYVELFNSDAKQYGGSNMGNLGGKWADEWSFHNKPYSLDLCLPPLAVLILKLDPTKVPEGTTIKEIAADEEE
;
_entity_poly.pdbx_strand_id   A
#
loop_
_chem_comp.id
_chem_comp.type
_chem_comp.name
_chem_comp.formula
GLC D-saccharide, alpha linking alpha-D-glucopyranose 'C6 H12 O6'
GOL non-polymer GLYCEROL 'C3 H8 O3'
MG non-polymer 'MAGNESIUM ION' 'Mg 2'
#
# COMPACT_ATOMS: atom_id res chain seq x y z
N ILE A 25 -41.63 -9.69 3.03
CA ILE A 25 -42.30 -8.59 2.20
C ILE A 25 -43.32 -8.93 1.03
N SER A 26 -44.34 -8.06 0.88
CA SER A 26 -45.35 -8.16 -0.22
C SER A 26 -44.94 -7.64 -1.60
N ALA A 27 -45.66 -8.12 -2.60
CA ALA A 27 -45.40 -7.73 -3.96
C ALA A 27 -45.80 -6.28 -4.20
N ASP A 28 -46.70 -5.73 -3.40
CA ASP A 28 -47.10 -4.33 -3.59
C ASP A 28 -45.94 -3.48 -3.20
N GLN A 29 -45.28 -3.87 -2.12
CA GLN A 29 -44.15 -3.11 -1.61
C GLN A 29 -43.01 -3.19 -2.62
N VAL A 30 -42.78 -4.37 -3.17
CA VAL A 30 -41.70 -4.49 -4.11
C VAL A 30 -41.95 -3.62 -5.34
N ASN A 31 -43.19 -3.59 -5.81
CA ASN A 31 -43.48 -2.90 -7.06
C ASN A 31 -43.39 -1.42 -6.89
N GLN A 32 -43.69 -0.99 -5.67
CA GLN A 32 -43.47 0.40 -5.33
C GLN A 32 -42.00 0.77 -5.48
N ILE A 33 -41.14 -0.14 -5.07
CA ILE A 33 -39.72 0.13 -5.18
C ILE A 33 -39.34 0.12 -6.67
N ILE A 34 -39.75 -0.92 -7.38
CA ILE A 34 -39.35 -1.16 -8.75
C ILE A 34 -39.75 -0.01 -9.63
N TYR A 35 -40.92 0.59 -9.39
CA TYR A 35 -41.52 1.58 -10.31
C TYR A 35 -41.47 2.98 -9.68
N ASN A 36 -40.58 3.14 -8.73
CA ASN A 36 -40.27 4.44 -8.19
C ASN A 36 -41.47 5.17 -7.59
N LEU A 37 -42.43 4.41 -7.08
CA LEU A 37 -43.56 4.96 -6.38
C LEU A 37 -43.41 4.96 -4.86
N HIS A 38 -42.37 4.35 -4.30
CA HIS A 38 -42.28 4.22 -2.85
C HIS A 38 -41.78 5.52 -2.21
N HIS A 39 -42.39 5.90 -1.10
CA HIS A 39 -42.07 7.16 -0.44
C HIS A 39 -40.72 7.18 0.25
N ASP A 40 -40.34 6.12 0.95
CA ASP A 40 -38.99 6.05 1.54
C ASP A 40 -38.39 4.66 1.52
N PRO A 41 -37.56 4.38 0.50
CA PRO A 41 -36.96 3.07 0.31
C PRO A 41 -36.12 2.55 1.50
N PHE A 42 -35.70 3.45 2.35
CA PHE A 42 -35.07 3.04 3.59
C PHE A 42 -35.98 2.23 4.52
N GLU A 43 -37.30 2.27 4.39
CA GLU A 43 -38.19 1.43 5.23
C GLU A 43 -38.00 -0.07 4.92
N ILE A 44 -37.74 -0.31 3.64
CA ILE A 44 -37.79 -1.62 3.01
C ILE A 44 -36.35 -2.12 2.78
N LEU A 45 -35.50 -1.29 2.14
CA LEU A 45 -34.13 -1.70 1.76
C LEU A 45 -33.13 -1.54 2.86
N GLY A 46 -32.03 -2.25 2.73
CA GLY A 46 -31.04 -2.27 3.77
C GLY A 46 -31.42 -3.33 4.80
N CYS A 47 -30.76 -3.28 5.96
CA CYS A 47 -30.89 -4.23 7.03
C CYS A 47 -32.02 -3.86 7.96
N HIS A 48 -32.87 -4.80 8.33
CA HIS A 48 -33.99 -4.51 9.24
C HIS A 48 -34.19 -5.65 10.18
N LEU A 49 -34.32 -5.30 11.48
CA LEU A 49 -34.61 -6.28 12.54
C LEU A 49 -36.00 -6.86 12.31
N LEU A 50 -36.12 -8.18 12.27
CA LEU A 50 -37.43 -8.83 12.24
C LEU A 50 -37.86 -9.24 13.67
N GLU A 51 -37.01 -9.91 14.45
CA GLU A 51 -37.39 -10.31 15.82
C GLU A 51 -36.21 -10.73 16.70
N GLU A 52 -36.37 -10.71 18.02
CA GLU A 52 -35.26 -11.01 18.94
C GLU A 52 -35.50 -12.34 19.65
N GLY A 53 -34.50 -13.23 19.64
CA GLY A 53 -34.60 -14.54 20.27
C GLY A 53 -33.95 -14.46 21.64
N LYS A 54 -33.64 -15.58 22.26
CA LYS A 54 -32.97 -15.53 23.57
C LYS A 54 -31.53 -15.13 23.31
N ASN A 55 -30.87 -15.78 22.36
CA ASN A 55 -29.44 -15.56 22.18
C ASN A 55 -29.03 -14.65 21.03
N THR A 56 -29.97 -14.33 20.15
CA THR A 56 -29.63 -13.95 18.80
C THR A 56 -30.84 -13.29 18.24
N LYS A 57 -30.70 -12.72 17.04
CA LYS A 57 -31.80 -11.99 16.42
C LYS A 57 -31.91 -12.31 14.94
N LYS A 58 -33.12 -12.10 14.42
CA LYS A 58 -33.44 -12.38 13.05
C LYS A 58 -33.45 -11.05 12.32
N TRP A 59 -32.61 -10.95 11.30
CA TRP A 59 -32.53 -9.74 10.53
C TRP A 59 -32.87 -10.12 9.12
N VAL A 60 -33.32 -9.13 8.37
CA VAL A 60 -33.38 -9.32 6.93
C VAL A 60 -32.60 -8.19 6.28
N VAL A 61 -31.80 -8.50 5.27
CA VAL A 61 -31.20 -7.47 4.45
C VAL A 61 -31.96 -7.52 3.15
N ARG A 62 -32.28 -6.33 2.63
CA ARG A 62 -33.05 -6.26 1.38
C ARG A 62 -32.38 -5.27 0.46
N ALA A 63 -32.40 -5.58 -0.83
CA ALA A 63 -31.62 -4.90 -1.85
C ALA A 63 -32.34 -4.85 -3.17
N TYR A 64 -32.28 -3.72 -3.85
CA TYR A 64 -32.81 -3.67 -5.19
C TYR A 64 -31.69 -3.41 -6.17
N LEU A 65 -31.25 -4.43 -6.89
CA LEU A 65 -30.10 -4.35 -7.77
C LEU A 65 -30.52 -4.63 -9.18
N PRO A 66 -30.80 -3.58 -9.95
CA PRO A 66 -31.18 -3.81 -11.33
C PRO A 66 -30.07 -4.50 -12.07
N LYS A 67 -30.42 -5.26 -13.11
CA LYS A 67 -29.41 -5.98 -13.89
C LYS A 67 -28.62 -7.09 -13.15
N ALA A 68 -28.82 -7.27 -11.84
CA ALA A 68 -28.18 -8.35 -11.10
C ALA A 68 -29.06 -9.57 -11.17
N GLU A 69 -28.46 -10.74 -11.39
CA GLU A 69 -29.17 -12.00 -11.36
C GLU A 69 -28.97 -12.75 -10.09
N ALA A 70 -28.03 -12.30 -9.28
CA ALA A 70 -27.69 -12.99 -8.05
C ALA A 70 -26.93 -12.05 -7.13
N ALA A 71 -27.07 -12.33 -5.84
CA ALA A 71 -26.50 -11.48 -4.82
C ALA A 71 -26.32 -12.29 -3.58
N TRP A 72 -25.26 -11.98 -2.85
CA TRP A 72 -25.02 -12.56 -1.55
C TRP A 72 -24.80 -11.48 -0.51
N VAL A 73 -24.92 -11.87 0.75
CA VAL A 73 -24.58 -11.01 1.86
C VAL A 73 -23.37 -11.60 2.52
N ILE A 74 -22.26 -10.87 2.48
CA ILE A 74 -21.01 -11.33 3.06
C ILE A 74 -20.96 -10.76 4.47
N ARG A 75 -20.51 -11.58 5.40
CA ARG A 75 -20.30 -11.19 6.78
C ARG A 75 -18.83 -11.51 7.01
N PRO A 76 -17.98 -10.61 6.52
CA PRO A 76 -16.58 -10.94 6.44
C PRO A 76 -15.93 -11.06 7.84
N THR A 77 -16.43 -10.37 8.85
CA THR A 77 -15.75 -10.53 10.13
C THR A 77 -16.13 -11.82 10.83
N GLU A 78 -17.24 -12.40 10.44
CA GLU A 78 -17.67 -13.68 10.90
C GLU A 78 -17.25 -14.78 9.91
N ARG A 79 -16.61 -14.44 8.80
CA ARG A 79 -16.20 -15.45 7.82
C ARG A 79 -17.38 -16.21 7.24
N LYS A 80 -18.48 -15.54 6.93
CA LYS A 80 -19.70 -16.19 6.40
C LYS A 80 -20.22 -15.48 5.17
N GLU A 81 -21.05 -16.18 4.40
CA GLU A 81 -21.63 -15.62 3.19
C GLU A 81 -22.96 -16.32 3.04
N ASP A 82 -24.04 -15.59 2.78
CA ASP A 82 -25.37 -16.16 2.58
C ASP A 82 -25.94 -15.67 1.24
N PRO A 83 -26.68 -16.54 0.53
CA PRO A 83 -27.29 -16.05 -0.73
C PRO A 83 -28.55 -15.24 -0.45
N MET A 84 -28.83 -14.31 -1.36
CA MET A 84 -30.05 -13.53 -1.37
C MET A 84 -30.93 -14.23 -2.36
N ASN A 85 -32.23 -14.32 -2.12
CA ASN A 85 -33.14 -14.88 -3.13
C ASN A 85 -33.90 -13.73 -3.73
N SER A 86 -34.03 -13.72 -5.06
CA SER A 86 -34.97 -12.85 -5.71
C SER A 86 -36.33 -13.03 -5.03
N VAL A 87 -37.17 -12.01 -4.97
CA VAL A 87 -38.47 -12.13 -4.34
C VAL A 87 -39.44 -11.14 -4.94
N HIS A 88 -40.53 -11.69 -5.49
CA HIS A 88 -41.52 -10.98 -6.35
C HIS A 88 -41.00 -10.40 -7.67
N HIS A 89 -39.69 -10.27 -7.82
CA HIS A 89 -39.12 -9.67 -8.99
C HIS A 89 -37.69 -10.08 -9.06
N PRO A 90 -37.20 -10.45 -10.24
CA PRO A 90 -35.83 -10.97 -10.42
C PRO A 90 -34.68 -10.14 -9.87
N ASN A 91 -34.82 -8.83 -9.87
CA ASN A 91 -33.82 -7.93 -9.32
C ASN A 91 -34.07 -7.41 -7.92
N PHE A 92 -35.09 -7.91 -7.26
CA PHE A 92 -35.31 -7.58 -5.86
C PHE A 92 -34.95 -8.75 -4.93
N PHE A 93 -34.07 -8.48 -3.99
CA PHE A 93 -33.48 -9.55 -3.20
C PHE A 93 -33.72 -9.37 -1.71
N GLU A 94 -33.96 -10.48 -1.02
CA GLU A 94 -34.14 -10.54 0.41
C GLU A 94 -33.19 -11.62 0.88
N CYS A 95 -32.79 -11.56 2.13
CA CYS A 95 -31.88 -12.58 2.66
C CYS A 95 -31.97 -12.48 4.14
N ILE A 96 -32.34 -13.57 4.80
CA ILE A 96 -32.62 -13.53 6.24
C ILE A 96 -31.48 -14.12 7.04
N ILE A 97 -31.06 -13.47 8.11
CA ILE A 97 -29.91 -13.97 8.85
C ILE A 97 -30.15 -13.93 10.35
N GLU A 98 -29.70 -14.97 11.03
CA GLU A 98 -29.69 -14.97 12.49
C GLU A 98 -28.30 -14.75 12.93
N THR A 99 -28.12 -13.69 13.71
CA THR A 99 -26.87 -13.39 14.38
C THR A 99 -27.18 -12.25 15.38
N PRO A 100 -26.51 -12.22 16.55
CA PRO A 100 -26.86 -11.20 17.56
C PRO A 100 -26.84 -9.79 17.07
N GLU A 101 -25.79 -9.38 16.39
CA GLU A 101 -25.75 -8.05 15.78
C GLU A 101 -25.20 -8.18 14.39
N LEU A 102 -25.64 -7.30 13.51
CA LEU A 102 -25.28 -7.38 12.10
C LEU A 102 -24.84 -6.00 11.67
N ASN A 103 -23.73 -5.56 12.22
CA ASN A 103 -23.17 -4.26 11.95
C ASN A 103 -22.28 -4.23 10.72
N HIS A 104 -21.60 -5.34 10.47
CA HIS A 104 -20.58 -5.41 9.47
C HIS A 104 -20.94 -6.34 8.35
N TYR A 105 -21.40 -5.80 7.24
CA TYR A 105 -21.63 -6.61 6.04
C TYR A 105 -21.44 -5.88 4.70
N GLN A 106 -21.21 -6.68 3.67
CA GLN A 106 -21.17 -6.22 2.29
C GLN A 106 -22.12 -7.05 1.46
N LEU A 107 -22.40 -6.53 0.28
CA LEU A 107 -23.15 -7.26 -0.74
C LEU A 107 -22.22 -7.59 -1.90
N LYS A 108 -22.30 -8.85 -2.33
CA LYS A 108 -21.70 -9.31 -3.58
C LYS A 108 -22.82 -9.33 -4.61
N VAL A 109 -22.61 -8.74 -5.77
CA VAL A 109 -23.65 -8.63 -6.77
C VAL A 109 -23.17 -9.23 -8.08
N LYS A 110 -23.94 -10.12 -8.69
CA LYS A 110 -23.54 -10.69 -9.98
C LYS A 110 -24.36 -10.15 -11.12
N GLU A 111 -23.68 -9.59 -12.12
CA GLU A 111 -24.31 -8.93 -13.29
C GLU A 111 -23.74 -9.58 -14.52
N GLY A 112 -24.37 -10.63 -14.99
CA GLY A 112 -23.88 -11.35 -16.13
C GLY A 112 -22.73 -12.19 -15.65
N GLU A 113 -21.57 -12.05 -16.28
CA GLU A 113 -20.41 -12.81 -15.84
C GLU A 113 -19.53 -12.09 -14.79
N HIS A 114 -19.76 -10.80 -14.50
CA HIS A 114 -18.97 -10.08 -13.48
C HIS A 114 -19.61 -10.01 -12.10
N GLU A 115 -18.78 -9.86 -11.08
CA GLU A 115 -19.21 -9.67 -9.71
C GLU A 115 -18.46 -8.52 -9.05
N LYS A 116 -19.21 -7.73 -8.29
CA LYS A 116 -18.63 -6.68 -7.49
C LYS A 116 -19.01 -6.89 -6.01
N VAL A 117 -18.11 -6.46 -5.12
CA VAL A 117 -18.43 -6.41 -3.72
C VAL A 117 -18.50 -4.96 -3.28
N ILE A 118 -19.57 -4.63 -2.56
CA ILE A 118 -19.79 -3.26 -2.17
C ILE A 118 -20.49 -3.24 -0.83
N TYR A 119 -20.36 -2.10 -0.15
CA TYR A 119 -21.16 -1.82 1.05
C TYR A 119 -22.59 -1.51 0.57
N ASP A 120 -23.55 -1.74 1.48
CA ASP A 120 -24.97 -1.60 1.19
C ASP A 120 -25.31 -0.14 0.98
N PRO A 121 -25.74 0.23 -0.23
CA PRO A 121 -26.16 1.62 -0.40
C PRO A 121 -27.22 2.03 0.55
N TYR A 122 -27.96 1.10 1.15
CA TYR A 122 -29.02 1.50 2.09
C TYR A 122 -28.72 1.31 3.56
N ALA A 123 -27.43 1.22 3.89
CA ALA A 123 -26.97 1.13 5.27
C ALA A 123 -27.42 2.26 6.17
N PHE A 124 -27.34 3.51 5.79
CA PHE A 124 -27.56 4.62 6.74
C PHE A 124 -28.74 5.44 6.30
N SER A 125 -29.81 5.39 7.08
CA SER A 125 -31.00 6.24 6.85
C SER A 125 -30.62 7.71 6.81
N SER A 126 -29.94 8.13 7.88
CA SER A 126 -29.74 9.54 8.20
C SER A 126 -28.26 9.86 8.42
N PRO A 127 -27.90 11.13 8.24
CA PRO A 127 -26.51 11.57 8.31
C PRO A 127 -25.94 11.69 9.71
N TYR A 128 -26.80 11.82 10.71
CA TYR A 128 -26.39 11.98 12.12
C TYR A 128 -26.02 10.65 12.82
N LEU A 129 -25.42 10.72 14.01
CA LEU A 129 -24.97 9.51 14.66
C LEU A 129 -26.09 8.94 15.47
N THR A 130 -26.30 7.64 15.33
CA THR A 130 -27.30 6.89 16.06
C THR A 130 -26.72 6.37 17.38
N ASP A 131 -27.56 5.86 18.28
CA ASP A 131 -27.06 5.24 19.51
C ASP A 131 -26.10 4.15 19.11
N GLU A 132 -26.42 3.45 18.02
CA GLU A 132 -25.67 2.26 17.63
C GLU A 132 -24.28 2.73 17.16
N ASP A 133 -24.22 3.82 16.37
CA ASP A 133 -22.95 4.36 15.88
C ASP A 133 -22.05 4.67 17.08
N ILE A 134 -22.58 5.38 18.04
CA ILE A 134 -21.79 5.80 19.18
C ILE A 134 -21.31 4.61 20.05
N TYR A 135 -22.18 3.63 20.22
CA TYR A 135 -21.93 2.51 21.11
C TYR A 135 -20.72 1.75 20.58
N LEU A 136 -20.75 1.58 19.27
CA LEU A 136 -19.78 0.77 18.55
C LEU A 136 -18.46 1.47 18.55
N PHE A 137 -18.50 2.79 18.34
CA PHE A 137 -17.32 3.62 18.37
C PHE A 137 -16.57 3.49 19.69
N SER A 138 -17.32 3.43 20.78
CA SER A 138 -16.81 3.29 22.14
C SER A 138 -16.20 1.94 22.48
N GLU A 139 -16.62 0.91 21.75
CA GLU A 139 -15.95 -0.38 21.82
C GLU A 139 -14.74 -0.35 20.89
N GLY A 140 -14.72 0.60 19.97
CA GLY A 140 -13.69 0.65 18.96
C GLY A 140 -13.92 -0.27 17.79
N ASN A 141 -15.16 -0.70 17.60
CA ASN A 141 -15.52 -1.52 16.45
C ASN A 141 -16.40 -0.89 15.36
N HIS A 142 -16.33 0.41 15.14
CA HIS A 142 -17.12 0.96 14.11
C HIS A 142 -16.30 1.10 12.83
N HIS A 143 -16.36 0.10 11.96
CA HIS A 143 -15.46 0.06 10.79
C HIS A 143 -15.78 1.07 9.67
N ARG A 144 -16.83 1.87 9.89
CA ARG A 144 -17.33 2.88 8.96
C ARG A 144 -17.63 4.18 9.72
N ILE A 145 -16.93 4.39 10.82
CA ILE A 145 -17.10 5.60 11.58
C ILE A 145 -16.84 6.85 10.75
N TYR A 146 -15.97 6.76 9.77
CA TYR A 146 -15.76 7.84 8.82
C TYR A 146 -16.98 8.26 8.00
N GLU A 147 -18.10 7.56 8.14
CA GLU A 147 -19.37 7.99 7.50
C GLU A 147 -20.13 9.01 8.34
N LYS A 148 -19.77 9.10 9.62
CA LYS A 148 -20.57 9.85 10.58
C LYS A 148 -19.73 10.95 11.22
N LEU A 149 -18.56 10.58 11.72
CA LEU A 149 -17.57 11.58 12.11
C LEU A 149 -16.95 12.25 10.89
N GLY A 150 -16.54 13.50 11.03
CA GLY A 150 -15.97 14.25 9.91
C GLY A 150 -16.99 15.29 9.53
N ALA A 151 -17.07 15.61 8.24
CA ALA A 151 -18.09 16.50 7.74
C ALA A 151 -18.74 15.82 6.56
N HIS A 152 -20.07 15.81 6.52
CA HIS A 152 -20.82 15.12 5.50
C HIS A 152 -22.01 15.93 5.02
N VAL A 153 -22.20 15.93 3.71
CA VAL A 153 -23.33 16.58 3.12
C VAL A 153 -24.56 15.70 3.38
N GLY A 154 -25.66 16.31 3.82
CA GLY A 154 -26.90 15.59 4.12
C GLY A 154 -28.09 16.48 4.36
N GLU A 155 -29.23 15.86 4.61
CA GLU A 155 -30.51 16.53 4.84
C GLU A 155 -30.90 16.20 6.28
N ILE A 156 -31.22 17.25 7.03
CA ILE A 156 -31.80 17.13 8.39
C ILE A 156 -32.90 18.17 8.53
N ASN A 157 -33.97 17.77 9.21
CA ASN A 157 -35.24 18.52 9.28
C ASN A 157 -35.62 19.13 7.95
N GLY A 158 -35.41 18.38 6.89
CA GLY A 158 -35.86 18.80 5.58
C GLY A 158 -35.03 19.84 4.87
N VAL A 159 -33.82 20.10 5.34
CA VAL A 159 -32.95 21.10 4.73
C VAL A 159 -31.62 20.46 4.37
N LYS A 160 -31.10 20.72 3.18
CA LYS A 160 -29.78 20.29 2.79
C LYS A 160 -28.73 21.11 3.55
N GLY A 161 -27.70 20.43 4.04
CA GLY A 161 -26.64 21.13 4.77
C GLY A 161 -25.44 20.26 4.95
N VAL A 162 -24.71 20.45 6.03
CA VAL A 162 -23.56 19.61 6.34
C VAL A 162 -23.64 19.19 7.81
N TYR A 163 -23.40 17.92 8.09
CA TYR A 163 -23.37 17.42 9.47
C TYR A 163 -21.89 17.37 9.81
N PHE A 164 -21.57 17.91 10.98
CA PHE A 164 -20.21 17.95 11.44
C PHE A 164 -20.19 17.16 12.72
N ALA A 165 -19.14 16.37 12.92
CA ALA A 165 -19.03 15.65 14.19
C ALA A 165 -17.59 15.31 14.56
N VAL A 166 -17.26 15.39 15.85
CA VAL A 166 -15.91 15.20 16.29
C VAL A 166 -15.77 14.63 17.68
N TRP A 167 -14.80 13.73 17.88
CA TRP A 167 -14.55 13.11 19.19
C TRP A 167 -13.66 13.99 20.05
N ALA A 168 -14.14 14.34 21.23
CA ALA A 168 -13.49 15.33 22.14
C ALA A 168 -14.15 15.33 23.53
N PRO A 169 -14.09 14.16 24.20
CA PRO A 169 -14.72 13.91 25.49
C PRO A 169 -14.47 15.05 26.50
N ASN A 170 -13.20 15.45 26.66
CA ASN A 170 -12.85 16.41 27.72
C ASN A 170 -12.90 17.87 27.31
N ALA A 171 -13.36 18.19 26.11
CA ALA A 171 -13.43 19.62 25.76
C ALA A 171 -14.52 20.29 26.61
N ARG A 172 -14.41 21.58 26.87
CA ARG A 172 -15.45 22.21 27.63
C ARG A 172 -16.48 22.75 26.69
N ASN A 173 -16.05 23.35 25.58
CA ASN A 173 -16.97 23.62 24.46
C ASN A 173 -16.28 23.40 23.14
N VAL A 174 -17.03 23.13 22.09
CA VAL A 174 -16.47 23.14 20.71
C VAL A 174 -17.42 23.87 19.78
N SER A 175 -16.90 24.53 18.76
CA SER A 175 -17.75 25.21 17.79
C SER A 175 -17.11 25.03 16.43
N VAL A 176 -17.84 25.33 15.38
CA VAL A 176 -17.34 25.19 14.05
C VAL A 176 -17.09 26.57 13.48
N ILE A 177 -15.85 26.81 13.07
CA ILE A 177 -15.47 28.06 12.40
C ILE A 177 -15.09 27.85 10.94
N GLY A 178 -15.38 28.84 10.10
CA GLY A 178 -15.05 28.71 8.68
C GLY A 178 -15.45 29.84 7.75
N ASP A 179 -15.26 29.64 6.45
CA ASP A 179 -15.60 30.67 5.50
C ASP A 179 -17.02 31.16 5.79
N PHE A 180 -17.99 30.26 5.75
CA PHE A 180 -19.44 30.57 5.95
C PHE A 180 -19.81 31.46 7.15
N ASN A 181 -18.99 31.56 8.19
CA ASN A 181 -19.30 32.43 9.33
C ASN A 181 -18.15 33.40 9.76
N ASN A 182 -17.35 33.85 8.78
CA ASN A 182 -16.10 34.65 9.01
C ASN A 182 -15.31 34.23 10.23
N TRP A 183 -15.22 32.92 10.40
CA TRP A 183 -14.39 32.34 11.43
C TRP A 183 -14.77 32.76 12.86
N ASP A 184 -16.01 33.20 13.03
CA ASP A 184 -16.63 33.43 14.32
C ASP A 184 -17.63 32.30 14.58
N GLY A 185 -17.42 31.58 15.67
CA GLY A 185 -18.20 30.37 15.91
C GLY A 185 -19.26 30.42 16.99
N ARG A 186 -19.86 31.59 17.19
CA ARG A 186 -20.73 31.79 18.36
C ARG A 186 -22.13 31.32 18.11
N GLU A 187 -22.61 31.59 16.88
CA GLU A 187 -23.78 30.94 16.33
C GLU A 187 -23.59 29.49 15.88
N HIS A 188 -22.43 28.87 16.10
CA HIS A 188 -22.26 27.49 15.62
C HIS A 188 -21.64 26.61 16.68
N GLN A 189 -22.17 26.70 17.87
CA GLN A 189 -21.69 25.90 18.97
C GLN A 189 -22.29 24.50 18.93
N MET A 190 -21.46 23.49 19.20
CA MET A 190 -21.79 22.11 18.92
C MET A 190 -22.42 21.49 20.14
N ARG A 191 -23.20 20.45 19.94
CA ARG A 191 -23.93 19.84 21.00
C ARG A 191 -23.16 18.59 21.41
N LYS A 192 -22.84 18.49 22.67
CA LYS A 192 -22.12 17.31 23.15
C LYS A 192 -23.08 16.11 23.35
N ARG A 193 -22.76 14.95 22.82
CA ARG A 193 -23.59 13.77 22.96
C ARG A 193 -22.90 12.68 23.70
N ASN A 194 -23.61 12.05 24.63
CA ASN A 194 -23.11 10.90 25.40
C ASN A 194 -21.76 11.20 25.98
N TYR A 195 -21.55 12.47 26.37
CA TYR A 195 -20.31 12.86 27.03
C TYR A 195 -19.05 12.59 26.21
N THR A 196 -19.12 12.69 24.89
CA THR A 196 -18.00 12.21 24.11
C THR A 196 -17.88 12.87 22.73
N ILE A 197 -18.99 12.99 22.00
CA ILE A 197 -18.92 13.52 20.64
C ILE A 197 -19.69 14.80 20.44
N TRP A 198 -19.10 15.74 19.71
CA TRP A 198 -19.70 17.04 19.50
C TRP A 198 -20.35 17.01 18.14
N GLU A 199 -21.58 17.51 17.99
CA GLU A 199 -22.20 17.58 16.64
C GLU A 199 -22.85 18.91 16.31
N LEU A 200 -22.91 19.17 15.02
CA LEU A 200 -23.70 20.25 14.55
C LEU A 200 -24.05 20.05 13.11
N PHE A 201 -25.31 20.33 12.80
CA PHE A 201 -25.78 20.51 11.43
C PHE A 201 -25.79 22.00 11.04
N VAL A 202 -25.39 22.31 9.82
CA VAL A 202 -25.39 23.70 9.35
C VAL A 202 -26.06 23.74 8.02
N PRO A 203 -27.11 24.56 7.90
CA PRO A 203 -27.87 24.40 6.66
C PRO A 203 -27.31 25.28 5.59
N GLU A 204 -27.59 24.91 4.34
CA GLU A 204 -27.39 25.74 3.17
C GLU A 204 -25.96 25.73 2.67
N ILE A 205 -25.00 25.56 3.55
CA ILE A 205 -23.63 25.21 3.12
C ILE A 205 -23.47 23.77 2.61
N GLY A 206 -22.38 23.54 1.89
CA GLY A 206 -22.07 22.22 1.32
C GLY A 206 -20.59 21.97 0.96
N SER A 207 -20.35 21.33 -0.18
CA SER A 207 -18.98 20.92 -0.44
C SER A 207 -18.19 22.15 -0.90
N GLY A 208 -16.92 22.24 -0.50
CA GLY A 208 -16.13 23.47 -0.72
C GLY A 208 -15.97 24.30 0.55
N THR A 209 -16.89 24.12 1.47
CA THR A 209 -16.80 24.74 2.75
C THR A 209 -15.45 24.56 3.40
N VAL A 210 -14.77 25.68 3.67
CA VAL A 210 -13.52 25.67 4.43
C VAL A 210 -13.84 25.86 5.92
N TYR A 211 -13.24 25.05 6.79
CA TYR A 211 -13.69 24.98 8.17
C TYR A 211 -12.60 24.42 9.10
N LYS A 212 -12.77 24.64 10.40
CA LYS A 212 -11.88 24.05 11.41
C LYS A 212 -12.76 23.86 12.67
N TYR A 213 -12.25 23.22 13.73
CA TYR A 213 -12.98 23.16 14.99
C TYR A 213 -12.32 24.06 16.04
N GLU A 214 -13.00 25.14 16.44
CA GLU A 214 -12.63 25.90 17.63
C GLU A 214 -12.95 25.07 18.85
N ILE A 215 -11.95 24.77 19.65
CA ILE A 215 -12.13 23.97 20.85
C ILE A 215 -11.67 24.80 22.03
N LYS A 216 -12.47 24.84 23.08
CA LYS A 216 -12.02 25.36 24.35
C LYS A 216 -11.82 24.15 25.24
N ASN A 217 -10.66 24.05 25.88
CA ASN A 217 -10.34 22.89 26.69
C ASN A 217 -10.59 23.02 28.20
N SER A 218 -10.26 21.96 28.94
CA SER A 218 -10.42 21.88 30.41
C SER A 218 -10.08 23.19 31.14
N GLU A 219 -8.90 23.72 30.83
CA GLU A 219 -8.37 24.90 31.53
C GLU A 219 -8.60 26.21 30.77
N GLY A 220 -9.65 26.31 29.96
CA GLY A 220 -10.02 27.57 29.29
C GLY A 220 -9.29 27.94 28.01
N HIS A 221 -8.17 27.28 27.68
CA HIS A 221 -7.38 27.69 26.51
C HIS A 221 -8.14 27.24 25.24
N ILE A 222 -8.20 28.13 24.27
CA ILE A 222 -8.99 27.96 23.05
C ILE A 222 -8.15 27.71 21.79
N TYR A 223 -7.78 26.47 21.43
CA TYR A 223 -7.12 26.26 20.12
C TYR A 223 -8.07 26.07 18.94
N GLU A 224 -7.50 26.16 17.74
CA GLU A 224 -8.20 25.84 16.48
C GLU A 224 -7.59 24.58 15.86
N LYS A 225 -8.44 23.68 15.34
CA LYS A 225 -8.01 22.34 14.89
C LYS A 225 -8.60 21.89 13.57
N SER A 226 -7.76 21.42 12.68
CA SER A 226 -8.20 20.60 11.54
C SER A 226 -9.04 19.39 11.96
N ASP A 227 -9.90 18.95 11.03
CA ASP A 227 -10.81 17.83 11.26
C ASP A 227 -10.09 16.51 11.18
N PRO A 228 -10.08 15.73 12.27
CA PRO A 228 -9.30 14.50 12.19
C PRO A 228 -9.82 13.59 11.10
N TYR A 229 -11.13 13.64 10.84
CA TYR A 229 -11.77 12.77 9.86
C TYR A 229 -12.02 13.55 8.58
N GLY A 230 -11.34 14.70 8.41
CA GLY A 230 -11.57 15.51 7.21
C GLY A 230 -11.08 14.83 5.93
N PHE A 231 -11.81 15.01 4.85
CA PHE A 231 -11.52 14.36 3.60
C PHE A 231 -10.75 15.19 2.60
N TYR A 232 -10.49 16.45 2.91
CA TYR A 232 -9.69 17.32 2.04
C TYR A 232 -9.15 18.44 2.90
N ARG A 233 -8.07 19.07 2.44
CA ARG A 233 -7.47 20.16 3.21
C ARG A 233 -6.90 21.20 2.29
N GLU A 234 -6.80 22.43 2.80
CA GLU A 234 -6.08 23.49 2.08
C GLU A 234 -4.67 23.01 1.85
N VAL A 235 -4.04 23.60 0.83
CA VAL A 235 -2.64 23.31 0.54
C VAL A 235 -1.70 23.76 1.66
N ARG A 236 -0.80 22.91 2.10
CA ARG A 236 0.15 23.31 3.14
C ARG A 236 0.86 24.60 2.70
N PRO A 237 1.27 25.44 3.69
CA PRO A 237 1.20 25.33 5.17
C PRO A 237 -0.16 25.59 5.80
N ASN A 238 -1.16 25.99 5.03
CA ASN A 238 -2.50 26.10 5.61
C ASN A 238 -3.13 24.80 6.00
N THR A 239 -3.96 24.81 7.03
CA THR A 239 -4.46 23.57 7.55
C THR A 239 -5.96 23.46 7.71
N ALA A 240 -6.74 24.39 7.17
CA ALA A 240 -8.18 24.27 7.38
C ALA A 240 -8.69 23.13 6.53
N SER A 241 -9.70 22.43 7.06
CA SER A 241 -10.32 21.30 6.40
C SER A 241 -11.27 21.81 5.35
N ILE A 242 -11.57 20.97 4.37
CA ILE A 242 -12.62 21.28 3.40
C ILE A 242 -13.65 20.10 3.28
N VAL A 243 -14.91 20.47 3.08
CA VAL A 243 -15.98 19.54 2.97
C VAL A 243 -16.01 18.92 1.62
N VAL A 244 -16.18 17.60 1.59
CA VAL A 244 -16.16 16.85 0.36
C VAL A 244 -17.35 15.96 0.24
N ASP A 245 -18.01 15.98 -0.89
CA ASP A 245 -19.09 15.05 -1.12
C ASP A 245 -18.50 13.82 -1.77
N ILE A 246 -17.83 13.05 -0.93
CA ILE A 246 -16.89 12.03 -1.37
C ILE A 246 -17.52 10.92 -2.21
N ASP A 247 -18.82 10.65 -2.02
CA ASP A 247 -19.50 9.63 -2.82
C ASP A 247 -20.11 10.16 -4.09
N ASN A 248 -19.99 11.45 -4.37
CA ASN A 248 -20.53 12.00 -5.61
C ASN A 248 -19.56 12.91 -6.33
N ILE A 249 -18.31 12.49 -6.44
CA ILE A 249 -17.30 13.28 -7.16
C ILE A 249 -16.66 12.50 -8.29
N TYR A 250 -16.78 11.17 -8.29
CA TYR A 250 -16.04 10.34 -9.24
C TYR A 250 -16.77 9.07 -9.65
N GLN A 251 -16.83 8.81 -10.94
CA GLN A 251 -17.26 7.52 -11.38
C GLN A 251 -16.05 6.59 -11.65
N TRP A 252 -16.02 5.47 -10.91
CA TRP A 252 -15.03 4.40 -11.11
C TRP A 252 -15.29 3.53 -12.36
N HIS A 253 -14.32 2.72 -12.72
CA HIS A 253 -14.43 1.84 -13.88
C HIS A 253 -13.66 0.54 -13.65
N ASP A 254 -13.37 0.19 -12.41
CA ASP A 254 -12.43 -0.85 -12.15
C ASP A 254 -13.04 -2.14 -11.57
N GLU A 255 -14.32 -2.39 -11.87
CA GLU A 255 -15.04 -3.57 -11.38
C GLU A 255 -14.30 -4.85 -11.79
N GLU A 256 -13.84 -4.90 -13.03
CA GLU A 256 -13.10 -6.06 -13.52
C GLU A 256 -11.84 -6.35 -12.74
N TRP A 257 -11.00 -5.30 -12.59
CA TRP A 257 -9.79 -5.32 -11.75
C TRP A 257 -10.06 -5.84 -10.30
N LEU A 258 -11.03 -5.22 -9.66
CA LEU A 258 -11.43 -5.58 -8.30
C LEU A 258 -11.90 -7.03 -8.23
N GLU A 259 -12.60 -7.46 -9.26
CA GLU A 259 -13.01 -8.84 -9.25
C GLU A 259 -11.80 -9.78 -9.38
N LYS A 260 -10.87 -9.41 -10.27
CA LYS A 260 -9.72 -10.26 -10.48
C LYS A 260 -8.86 -10.33 -9.19
N ARG A 261 -8.69 -9.19 -8.54
CA ARG A 261 -7.99 -9.12 -7.27
C ARG A 261 -8.64 -10.00 -6.24
N ARG A 262 -9.96 -9.80 -6.03
CA ARG A 262 -10.67 -10.52 -4.96
C ARG A 262 -10.55 -12.00 -5.07
N ASN A 263 -10.44 -12.47 -6.30
CA ASN A 263 -10.42 -13.87 -6.60
C ASN A 263 -9.07 -14.48 -6.80
N SER A 264 -7.98 -13.72 -6.63
CA SER A 264 -6.65 -14.25 -6.87
C SER A 264 -5.81 -14.22 -5.64
N ASP A 265 -4.72 -14.99 -5.67
CA ASP A 265 -3.74 -15.00 -4.58
C ASP A 265 -2.53 -14.20 -4.98
N PRO A 266 -2.44 -12.93 -4.53
CA PRO A 266 -1.32 -12.11 -5.05
C PRO A 266 0.03 -12.70 -4.74
N LEU A 267 0.11 -13.63 -3.76
CA LEU A 267 1.40 -14.23 -3.44
C LEU A 267 1.95 -15.10 -4.56
N LYS A 268 1.09 -15.59 -5.46
CA LYS A 268 1.52 -16.49 -6.55
C LYS A 268 1.52 -15.81 -7.90
N GLN A 269 1.68 -14.50 -7.85
CA GLN A 269 1.64 -13.72 -9.06
C GLN A 269 2.85 -12.88 -9.09
N PRO A 270 3.21 -12.41 -10.26
CA PRO A 270 4.35 -11.52 -10.30
C PRO A 270 4.06 -10.20 -9.58
N VAL A 271 5.00 -9.77 -8.75
CA VAL A 271 4.88 -8.47 -8.13
C VAL A 271 6.17 -7.68 -8.27
N SER A 272 6.21 -6.78 -9.25
CA SER A 272 7.29 -5.82 -9.28
C SER A 272 6.77 -4.40 -9.08
N VAL A 273 7.23 -3.82 -7.99
CA VAL A 273 6.78 -2.54 -7.52
C VAL A 273 7.75 -1.45 -7.94
N TYR A 274 7.23 -0.40 -8.54
CA TYR A 274 7.97 0.84 -8.76
C TYR A 274 7.62 1.76 -7.61
N GLU A 275 8.60 2.08 -6.77
CA GLU A 275 8.36 2.86 -5.53
C GLU A 275 8.46 4.34 -5.87
N VAL A 276 7.49 5.14 -5.47
CA VAL A 276 7.49 6.50 -5.90
C VAL A 276 7.13 7.45 -4.81
N HIS A 277 7.86 8.56 -4.75
CA HIS A 277 7.42 9.73 -4.00
C HIS A 277 6.80 10.74 -4.99
N LEU A 278 5.49 10.90 -4.95
CA LEU A 278 4.80 11.76 -5.90
C LEU A 278 5.32 13.22 -6.04
N GLY A 279 5.78 13.78 -4.95
CA GLY A 279 6.17 15.16 -4.97
C GLY A 279 7.54 15.40 -5.55
N SER A 280 8.24 14.33 -5.94
CA SER A 280 9.63 14.46 -6.36
C SER A 280 10.03 13.65 -7.57
N TRP A 281 9.09 12.98 -8.22
CA TRP A 281 9.38 12.22 -9.45
C TRP A 281 9.60 13.20 -10.62
N LEU A 282 8.63 14.08 -10.83
CA LEU A 282 8.68 15.09 -11.90
C LEU A 282 7.94 16.35 -11.44
N HIS A 283 8.53 17.52 -11.73
CA HIS A 283 7.88 18.81 -11.48
C HIS A 283 7.45 19.53 -12.79
N GLY A 284 6.68 20.61 -12.67
CA GLY A 284 6.34 21.45 -13.79
C GLY A 284 6.61 22.93 -13.53
N SER A 285 6.13 23.78 -14.41
CA SER A 285 6.33 25.19 -14.22
C SER A 285 5.29 25.85 -13.34
N SER A 286 5.71 26.48 -12.25
CA SER A 286 4.85 27.43 -11.53
C SER A 286 4.33 28.62 -12.36
N ALA A 287 4.90 28.85 -13.53
CA ALA A 287 4.35 29.82 -14.45
C ALA A 287 2.95 29.53 -15.00
N GLU A 288 2.29 28.44 -14.59
CA GLU A 288 1.02 28.04 -15.18
C GLU A 288 0.14 27.34 -14.15
N LYS A 289 -1.11 27.10 -14.49
CA LYS A 289 -1.99 26.53 -13.48
C LYS A 289 -1.77 25.00 -13.44
N MET A 290 -2.18 24.39 -12.34
CA MET A 290 -2.26 22.95 -12.21
C MET A 290 -3.57 22.39 -12.77
N PRO A 291 -3.49 21.73 -13.92
CA PRO A 291 -4.66 21.02 -14.45
C PRO A 291 -5.17 19.91 -13.53
N LEU A 292 -6.47 19.87 -13.33
CA LEU A 292 -7.12 18.76 -12.66
C LEU A 292 -8.00 18.09 -13.67
N LEU A 293 -8.69 17.06 -13.21
CA LEU A 293 -9.75 16.39 -13.99
C LEU A 293 -10.87 17.41 -14.20
N ASN A 294 -11.19 17.70 -15.45
CA ASN A 294 -12.18 18.73 -15.79
C ASN A 294 -12.13 19.88 -14.77
N GLY A 295 -10.99 20.56 -14.73
CA GLY A 295 -10.80 21.69 -13.83
C GLY A 295 -9.33 22.08 -13.78
N GLU A 296 -9.02 23.10 -13.00
CA GLU A 296 -7.66 23.60 -12.89
C GLU A 296 -7.50 24.38 -11.62
N ALA A 297 -6.28 24.63 -11.18
CA ALA A 297 -6.09 25.21 -9.86
C ALA A 297 -4.75 25.96 -9.78
N ASP A 298 -4.57 26.78 -8.76
CA ASP A 298 -3.33 27.49 -8.65
C ASP A 298 -2.16 26.52 -8.51
N PRO A 299 -0.98 26.90 -9.02
CA PRO A 299 0.16 26.00 -8.91
C PRO A 299 0.60 25.81 -7.46
N VAL A 300 1.05 24.62 -7.06
CA VAL A 300 1.68 24.52 -5.75
C VAL A 300 3.23 24.58 -5.85
N ILE A 301 3.81 25.73 -5.48
CA ILE A 301 5.26 25.94 -5.57
C ILE A 301 5.99 24.90 -4.74
N VAL A 302 7.07 24.33 -5.22
CA VAL A 302 7.70 23.25 -4.45
C VAL A 302 8.54 23.72 -3.26
N SER A 303 9.25 24.85 -3.37
CA SER A 303 9.96 25.46 -2.24
C SER A 303 10.06 26.93 -2.48
N GLU A 304 10.27 27.70 -1.41
CA GLU A 304 10.51 29.09 -1.63
C GLU A 304 11.90 29.26 -2.24
N TRP A 305 12.75 28.25 -2.08
CA TRP A 305 14.02 28.24 -2.79
C TRP A 305 14.06 27.69 -4.20
N ASN A 306 12.98 27.10 -4.70
CA ASN A 306 12.93 26.65 -6.10
C ASN A 306 11.57 27.12 -6.71
N PRO A 307 11.31 28.44 -6.69
CA PRO A 307 9.99 28.97 -6.92
C PRO A 307 9.48 28.79 -8.33
N GLY A 308 10.38 28.56 -9.29
CA GLY A 308 9.97 28.29 -10.68
C GLY A 308 9.35 26.93 -10.88
N ALA A 309 9.55 26.05 -9.91
CA ALA A 309 9.07 24.66 -9.98
C ALA A 309 7.67 24.52 -9.33
N ARG A 310 6.80 23.70 -9.92
CA ARG A 310 5.56 23.29 -9.23
C ARG A 310 5.41 21.80 -9.22
N PHE A 311 4.59 21.33 -8.28
CA PHE A 311 4.19 19.96 -8.28
C PHE A 311 3.27 19.68 -9.45
N LEU A 312 3.27 18.43 -9.88
CA LEU A 312 2.23 17.92 -10.75
C LEU A 312 1.04 17.42 -9.93
N SER A 313 -0.14 17.51 -10.54
CA SER A 313 -1.36 17.00 -9.93
C SER A 313 -1.53 15.50 -10.15
N TYR A 314 -2.47 14.92 -9.37
CA TYR A 314 -2.80 13.49 -9.46
C TYR A 314 -3.27 13.24 -10.85
N TYR A 315 -3.97 14.24 -11.39
CA TYR A 315 -4.44 14.16 -12.77
C TYR A 315 -3.28 14.06 -13.75
N GLU A 316 -2.28 14.94 -13.62
CA GLU A 316 -1.16 14.94 -14.58
C GLU A 316 -0.34 13.69 -14.41
N LEU A 317 -0.20 13.26 -13.16
CA LEU A 317 0.54 12.05 -12.87
C LEU A 317 -0.13 10.84 -13.55
N ALA A 318 -1.45 10.71 -13.39
CA ALA A 318 -2.17 9.69 -14.10
C ALA A 318 -1.84 9.71 -15.58
N GLU A 319 -1.75 10.90 -16.19
CA GLU A 319 -1.31 10.99 -17.60
C GLU A 319 0.16 10.66 -17.85
N LYS A 320 1.07 10.97 -16.94
CA LYS A 320 2.50 10.75 -17.21
C LYS A 320 3.13 9.52 -16.51
N LEU A 321 3.03 9.43 -15.19
CA LEU A 321 3.59 8.33 -14.40
C LEU A 321 3.05 6.93 -14.82
N ILE A 322 1.75 6.85 -15.10
CA ILE A 322 1.17 5.57 -15.40
C ILE A 322 1.68 4.98 -16.71
N PRO A 323 1.57 5.72 -17.82
CA PRO A 323 2.19 5.13 -19.01
C PRO A 323 3.69 4.84 -18.84
N TYR A 324 4.39 5.64 -18.02
CA TYR A 324 5.82 5.37 -17.83
C TYR A 324 5.92 4.02 -17.12
N VAL A 325 5.23 3.89 -15.99
CA VAL A 325 5.23 2.62 -15.28
C VAL A 325 4.76 1.43 -16.12
N LYS A 326 3.71 1.60 -16.91
CA LYS A 326 3.16 0.50 -17.74
C LYS A 326 4.19 -0.06 -18.75
N ASP A 327 4.82 0.87 -19.48
CA ASP A 327 5.95 0.59 -20.39
C ASP A 327 7.14 -0.13 -19.83
N MET A 328 7.58 0.32 -18.65
CA MET A 328 8.64 -0.31 -17.93
C MET A 328 8.24 -1.75 -17.55
N GLY A 329 6.94 -2.00 -17.39
CA GLY A 329 6.42 -3.33 -17.12
C GLY A 329 6.38 -3.70 -15.64
N TYR A 330 6.29 -2.70 -14.77
CA TYR A 330 6.10 -2.94 -13.34
C TYR A 330 4.66 -3.35 -13.08
N THR A 331 4.40 -4.25 -12.12
CA THR A 331 3.02 -4.64 -11.86
C THR A 331 2.31 -3.70 -10.90
N HIS A 332 3.11 -2.95 -10.13
CA HIS A 332 2.55 -2.09 -9.09
C HIS A 332 3.31 -0.79 -8.97
N ILE A 333 2.63 0.23 -8.48
CA ILE A 333 3.26 1.43 -8.00
C ILE A 333 3.03 1.52 -6.50
N GLU A 334 4.07 1.82 -5.74
CA GLU A 334 3.92 1.96 -4.30
C GLU A 334 4.22 3.40 -3.95
N LEU A 335 3.31 4.11 -3.31
CA LEU A 335 3.53 5.53 -3.01
C LEU A 335 4.08 5.76 -1.62
N LEU A 336 5.06 6.64 -1.50
CA LEU A 336 5.42 7.11 -0.18
C LEU A 336 4.18 7.81 0.29
N PRO A 337 4.05 8.04 1.59
CA PRO A 337 2.74 8.50 2.10
C PRO A 337 2.14 9.69 1.42
N ILE A 338 0.83 9.61 1.20
CA ILE A 338 0.05 10.66 0.63
C ILE A 338 -1.05 11.18 1.54
N ALA A 339 -1.25 10.59 2.70
CA ALA A 339 -2.09 11.28 3.69
C ALA A 339 -1.56 12.69 3.91
N GLU A 340 -2.47 13.64 4.08
CA GLU A 340 -2.09 15.05 4.32
C GLU A 340 -1.05 15.13 5.40
N HIS A 341 0.08 15.75 5.06
CA HIS A 341 1.22 15.92 5.96
C HIS A 341 1.73 17.32 5.72
N PRO A 342 2.17 18.05 6.76
CA PRO A 342 2.46 19.45 6.56
C PRO A 342 3.84 19.79 6.08
N PHE A 343 4.85 18.94 6.28
CA PHE A 343 6.22 19.32 5.91
C PHE A 343 6.77 18.37 4.85
N ASP A 344 7.02 18.89 3.64
CA ASP A 344 7.60 18.11 2.55
C ASP A 344 8.78 17.28 3.00
N GLY A 345 9.67 17.89 3.76
CA GLY A 345 10.80 17.17 4.31
C GLY A 345 10.55 15.93 5.13
N SER A 346 9.39 15.73 5.74
CA SER A 346 9.08 14.40 6.31
C SER A 346 8.93 13.27 5.31
N TRP A 347 8.85 13.60 4.01
CA TRP A 347 8.67 12.62 2.94
C TRP A 347 7.24 12.09 2.93
N GLY A 348 6.42 12.57 3.86
CA GLY A 348 5.14 11.97 4.10
C GLY A 348 5.07 11.24 5.41
N TYR A 349 6.17 10.82 5.99
CA TYR A 349 6.05 9.94 7.14
C TYR A 349 5.56 10.57 8.41
N GLN A 350 5.24 11.86 8.40
CA GLN A 350 4.66 12.52 9.59
C GLN A 350 3.30 13.13 9.30
N VAL A 351 2.25 12.40 9.65
CA VAL A 351 0.92 12.70 9.10
C VAL A 351 0.09 13.48 10.10
N THR A 352 -0.71 14.44 9.61
CA THR A 352 -1.71 15.16 10.43
C THR A 352 -3.14 15.07 9.94
N GLY A 353 -3.33 14.79 8.65
CA GLY A 353 -4.67 14.47 8.14
C GLY A 353 -4.70 13.06 7.61
N PHE A 354 -5.11 12.15 8.46
CA PHE A 354 -5.09 10.73 8.10
C PHE A 354 -6.10 10.33 6.99
N TYR A 355 -7.20 11.06 6.88
CA TYR A 355 -8.36 10.66 6.09
C TYR A 355 -8.48 11.49 4.82
N SER A 356 -7.42 12.22 4.43
CA SER A 356 -7.46 13.01 3.22
C SER A 356 -6.17 12.79 2.42
N PRO A 357 -6.27 12.61 1.11
CA PRO A 357 -5.06 12.60 0.32
C PRO A 357 -4.56 14.02 0.19
N THR A 358 -3.24 14.21 0.19
CA THR A 358 -2.68 15.55 0.24
C THR A 358 -3.08 16.45 -0.92
N SER A 359 -3.32 17.72 -0.57
CA SER A 359 -3.78 18.74 -1.50
C SER A 359 -2.64 19.35 -2.29
N ARG A 360 -1.41 18.91 -2.02
CA ARG A 360 -0.29 19.24 -2.84
C ARG A 360 -0.55 18.96 -4.30
N PHE A 361 -1.21 17.85 -4.59
CA PHE A 361 -1.38 17.38 -5.98
C PHE A 361 -2.84 17.38 -6.47
N GLY A 362 -3.73 18.09 -5.77
CA GLY A 362 -5.11 18.31 -6.24
C GLY A 362 -6.20 17.80 -5.33
N ARG A 363 -7.34 17.42 -5.90
CA ARG A 363 -8.53 17.04 -5.13
C ARG A 363 -8.63 15.53 -4.98
N PRO A 364 -9.41 15.04 -4.00
CA PRO A 364 -9.73 13.61 -3.88
C PRO A 364 -10.19 12.94 -5.19
N GLU A 365 -11.04 13.61 -5.95
CA GLU A 365 -11.47 13.03 -7.21
C GLU A 365 -10.31 12.78 -8.15
N ASP A 366 -9.30 13.62 -8.08
CA ASP A 366 -8.12 13.48 -8.96
C ASP A 366 -7.25 12.26 -8.63
N PHE A 367 -7.18 11.92 -7.33
CA PHE A 367 -6.47 10.73 -6.89
C PHE A 367 -7.32 9.55 -7.26
N MET A 368 -8.63 9.66 -7.07
CA MET A 368 -9.55 8.58 -7.48
C MET A 368 -9.31 8.25 -8.94
N TYR A 369 -9.19 9.31 -9.72
CA TYR A 369 -8.89 9.17 -11.11
C TYR A 369 -7.55 8.42 -11.35
N PHE A 370 -6.50 8.80 -10.61
CA PHE A 370 -5.22 8.12 -10.73
C PHE A 370 -5.35 6.59 -10.51
N VAL A 371 -6.09 6.18 -9.47
CA VAL A 371 -6.18 4.78 -9.13
C VAL A 371 -6.99 4.03 -10.19
N ASP A 372 -8.11 4.65 -10.59
CA ASP A 372 -8.95 4.13 -11.65
C ASP A 372 -8.07 3.84 -12.85
N LYS A 373 -7.18 4.77 -13.16
CA LYS A 373 -6.34 4.62 -14.34
C LYS A 373 -5.27 3.62 -14.14
N CYS A 374 -4.68 3.52 -12.93
CA CYS A 374 -3.71 2.43 -12.71
C CYS A 374 -4.41 1.11 -13.04
N HIS A 375 -5.63 0.97 -12.54
CA HIS A 375 -6.40 -0.23 -12.73
C HIS A 375 -6.78 -0.46 -14.19
N GLU A 376 -7.02 0.64 -14.90
CA GLU A 376 -7.38 0.51 -16.30
C GLU A 376 -6.19 -0.04 -17.04
N ASN A 377 -4.98 0.22 -16.53
CA ASN A 377 -3.76 -0.35 -17.12
C ASN A 377 -3.25 -1.60 -16.44
N GLY A 378 -4.01 -2.15 -15.49
CA GLY A 378 -3.61 -3.40 -14.82
C GLY A 378 -2.39 -3.26 -13.92
N ILE A 379 -2.34 -2.11 -13.25
CA ILE A 379 -1.31 -1.74 -12.35
C ILE A 379 -1.96 -1.51 -11.03
N GLY A 380 -1.43 -2.09 -9.97
CA GLY A 380 -2.02 -1.86 -8.64
C GLY A 380 -1.32 -0.75 -7.84
N VAL A 381 -1.97 -0.23 -6.81
CA VAL A 381 -1.47 0.87 -6.06
C VAL A 381 -1.32 0.43 -4.64
N ILE A 382 -0.13 0.57 -4.09
CA ILE A 382 0.15 0.28 -2.70
C ILE A 382 0.42 1.59 -1.95
N LEU A 383 -0.11 1.74 -0.76
CA LEU A 383 0.07 2.99 -0.05
C LEU A 383 0.91 2.78 1.18
N ASP A 384 2.01 3.54 1.27
CA ASP A 384 2.72 3.64 2.52
C ASP A 384 1.76 4.22 3.52
N TRP A 385 1.55 3.54 4.63
CA TRP A 385 0.56 3.93 5.62
C TRP A 385 1.27 4.11 6.97
N VAL A 386 0.95 5.21 7.66
CA VAL A 386 1.73 5.61 8.85
C VAL A 386 0.95 5.60 10.19
N PRO A 387 0.61 4.43 10.72
CA PRO A 387 -0.11 4.31 11.97
C PRO A 387 0.78 4.43 13.23
N GLY A 388 2.10 4.49 13.06
CA GLY A 388 3.03 4.45 14.21
C GLY A 388 3.16 5.69 15.12
N HIS A 389 2.83 6.87 14.61
CA HIS A 389 3.13 8.07 15.33
C HIS A 389 2.59 9.23 14.56
N PHE A 390 2.48 10.37 15.23
CA PHE A 390 2.14 11.63 14.58
C PHE A 390 2.85 12.82 15.22
N PRO A 391 2.98 13.93 14.48
CA PRO A 391 3.67 15.07 14.96
C PRO A 391 2.90 16.01 15.85
N LYS A 392 3.68 16.70 16.68
CA LYS A 392 3.15 17.66 17.66
C LYS A 392 2.52 18.91 17.08
N ASP A 393 2.61 19.13 15.75
CA ASP A 393 1.89 20.26 15.13
C ASP A 393 0.52 20.42 15.76
N SER A 394 0.24 21.65 16.16
CA SER A 394 -0.93 21.90 16.98
C SER A 394 -2.26 21.89 16.19
N HIS A 395 -2.24 22.19 14.88
CA HIS A 395 -3.47 22.01 14.07
C HIS A 395 -4.00 20.57 14.04
N GLY A 396 -3.12 19.61 14.36
CA GLY A 396 -3.41 18.20 14.24
C GLY A 396 -3.89 17.57 15.54
N LEU A 397 -3.60 16.27 15.73
CA LEU A 397 -4.25 15.50 16.77
C LEU A 397 -3.65 15.71 18.13
N ALA A 398 -2.40 16.15 18.20
CA ALA A 398 -1.74 16.28 19.52
C ALA A 398 -2.64 16.97 20.56
N TYR A 399 -2.68 16.38 21.76
CA TYR A 399 -3.37 17.01 22.90
C TYR A 399 -4.69 17.61 22.39
N PHE A 400 -5.56 16.76 21.83
CA PHE A 400 -6.66 17.25 21.00
C PHE A 400 -7.75 18.02 21.75
N ASP A 401 -8.19 17.44 22.86
CA ASP A 401 -9.30 17.98 23.61
C ASP A 401 -8.81 18.59 24.89
N GLY A 402 -7.51 18.84 24.96
CA GLY A 402 -6.91 19.42 26.17
C GLY A 402 -6.45 18.35 27.09
N THR A 403 -6.36 17.14 26.58
CA THR A 403 -5.84 16.00 27.34
C THR A 403 -4.99 15.20 26.37
N HIS A 404 -4.41 14.11 26.87
CA HIS A 404 -3.71 13.19 26.02
C HIS A 404 -4.73 12.21 25.41
N LEU A 405 -5.36 12.69 24.34
CA LEU A 405 -6.47 11.98 23.75
C LEU A 405 -6.02 10.86 22.79
N TYR A 406 -5.27 11.23 21.74
CA TYR A 406 -4.88 10.23 20.74
C TYR A 406 -3.63 9.57 21.13
N GLU A 407 -2.71 10.33 21.70
CA GLU A 407 -1.44 9.80 22.24
C GLU A 407 -1.64 9.35 23.68
N HIS A 408 -0.86 8.36 24.09
CA HIS A 408 -0.75 7.93 25.50
C HIS A 408 -0.13 9.05 26.34
N ALA A 409 -0.44 9.12 27.62
CA ALA A 409 -0.06 10.28 28.44
C ALA A 409 1.31 10.10 29.08
N ASP A 410 1.63 8.87 29.40
CA ASP A 410 2.98 8.55 29.79
C ASP A 410 3.95 8.76 28.59
N PRO A 411 4.92 9.68 28.73
CA PRO A 411 5.80 9.85 27.53
C PRO A 411 6.75 8.68 27.30
N ARG A 412 6.89 7.79 28.28
CA ARG A 412 7.70 6.59 28.09
C ARG A 412 7.09 5.61 27.09
N ILE A 413 5.81 5.78 26.79
CA ILE A 413 5.13 4.96 25.78
C ILE A 413 4.37 5.82 24.72
N GLY A 414 4.17 7.11 25.01
CA GLY A 414 3.45 8.00 24.11
C GLY A 414 4.28 9.04 23.37
N GLU A 415 5.61 9.02 23.53
CA GLU A 415 6.51 9.82 22.69
C GLU A 415 7.61 8.98 22.11
N HIS A 416 8.06 9.38 20.92
CA HIS A 416 9.30 8.86 20.34
C HIS A 416 10.25 10.05 20.40
N LYS A 417 11.01 10.09 21.49
CA LYS A 417 11.78 11.27 21.81
C LYS A 417 12.79 11.64 20.71
N GLU A 418 13.55 10.66 20.21
CA GLU A 418 14.52 10.97 19.15
C GLU A 418 13.90 11.56 17.89
N TRP A 419 12.64 11.25 17.61
CA TRP A 419 12.00 11.75 16.41
C TRP A 419 11.20 13.01 16.70
N GLY A 420 10.85 13.24 17.96
CA GLY A 420 10.06 14.43 18.29
C GLY A 420 8.58 14.26 17.97
N THR A 421 8.10 13.00 18.02
CA THR A 421 6.72 12.70 17.63
C THR A 421 5.97 11.95 18.72
N LEU A 422 4.65 11.90 18.55
CA LEU A 422 3.75 11.29 19.53
C LEU A 422 3.32 9.90 19.11
N VAL A 423 3.13 8.98 20.06
CA VAL A 423 2.63 7.65 19.73
C VAL A 423 1.18 7.45 20.15
N PHE A 424 0.37 6.98 19.20
CA PHE A 424 -1.03 6.68 19.49
C PHE A 424 -1.19 5.69 20.64
N ASN A 425 -2.17 5.97 21.47
CA ASN A 425 -2.60 5.05 22.50
C ASN A 425 -3.43 3.93 21.95
N TYR A 426 -2.77 2.87 21.49
CA TYR A 426 -3.49 1.81 20.76
C TYR A 426 -4.54 1.10 21.64
N GLY A 427 -4.36 1.15 22.95
CA GLY A 427 -5.30 0.52 23.87
C GLY A 427 -6.54 1.35 24.10
N ARG A 428 -6.53 2.59 23.63
CA ARG A 428 -7.71 3.44 23.80
C ARG A 428 -8.65 3.21 22.62
N HIS A 429 -9.91 2.83 22.91
CA HIS A 429 -10.81 2.33 21.89
C HIS A 429 -10.98 3.27 20.68
N GLU A 430 -11.33 4.51 20.98
CA GLU A 430 -11.64 5.47 19.92
C GLU A 430 -10.39 5.75 19.10
N VAL A 431 -9.22 5.59 19.70
CA VAL A 431 -7.95 5.79 19.00
C VAL A 431 -7.75 4.61 18.05
N ARG A 432 -7.78 3.40 18.57
CA ARG A 432 -7.74 2.20 17.74
C ARG A 432 -8.73 2.25 16.58
N ASN A 433 -9.94 2.73 16.87
CA ASN A 433 -10.98 2.81 15.86
C ASN A 433 -10.57 3.81 14.77
N PHE A 434 -10.00 4.94 15.18
CA PHE A 434 -9.50 5.94 14.22
C PHE A 434 -8.59 5.30 13.12
N LEU A 435 -7.69 4.42 13.54
CA LEU A 435 -6.69 3.85 12.66
C LEU A 435 -7.15 2.64 11.88
N VAL A 436 -7.91 1.78 12.55
CA VAL A 436 -8.44 0.56 11.94
C VAL A 436 -9.39 0.94 10.85
N ALA A 437 -10.26 1.90 11.12
CA ALA A 437 -11.18 2.38 10.10
C ALA A 437 -10.49 3.16 9.02
N ASN A 438 -9.40 3.82 9.36
CA ASN A 438 -8.66 4.64 8.40
C ASN A 438 -8.05 3.74 7.35
N VAL A 439 -7.52 2.61 7.80
CA VAL A 439 -6.90 1.72 6.84
C VAL A 439 -7.99 1.23 5.93
N LEU A 440 -9.12 0.86 6.52
CA LEU A 440 -10.22 0.35 5.75
C LEU A 440 -10.74 1.40 4.77
N PHE A 441 -10.72 2.67 5.21
CA PHE A 441 -11.07 3.88 4.39
C PHE A 441 -10.35 3.93 3.04
N TRP A 442 -9.06 3.65 3.04
CA TRP A 442 -8.32 3.82 1.81
C TRP A 442 -8.72 2.77 0.81
N PHE A 443 -9.03 1.56 1.27
CA PHE A 443 -9.40 0.49 0.32
C PHE A 443 -10.80 0.72 -0.21
N ASP A 444 -11.61 1.26 0.67
CA ASP A 444 -13.01 1.57 0.43
C ASP A 444 -13.17 2.72 -0.58
N LYS A 445 -12.85 3.94 -0.18
CA LYS A 445 -13.15 5.11 -0.97
C LYS A 445 -12.13 5.35 -2.11
N TYR A 446 -10.90 4.86 -1.95
CA TYR A 446 -9.90 5.09 -2.97
C TYR A 446 -9.46 3.80 -3.76
N HIS A 447 -10.12 2.69 -3.47
CA HIS A 447 -9.86 1.41 -4.16
C HIS A 447 -8.39 0.92 -4.19
N VAL A 448 -7.58 1.25 -3.19
CA VAL A 448 -6.17 0.84 -3.27
C VAL A 448 -5.99 -0.67 -3.13
N ASP A 449 -4.82 -1.16 -3.51
CA ASP A 449 -4.56 -2.59 -3.60
C ASP A 449 -3.67 -3.14 -2.54
N GLY A 450 -3.04 -2.28 -1.76
CA GLY A 450 -2.34 -2.74 -0.57
C GLY A 450 -1.74 -1.65 0.30
N ILE A 451 -1.06 -2.04 1.38
CA ILE A 451 -0.34 -1.08 2.19
C ILE A 451 1.06 -1.58 2.55
N ARG A 452 1.93 -0.65 2.93
CA ARG A 452 3.22 -0.95 3.49
C ARG A 452 3.22 -0.21 4.80
N VAL A 453 3.82 -0.78 5.84
CA VAL A 453 4.01 -0.05 7.08
C VAL A 453 5.50 0.05 7.37
N ASP A 454 5.97 1.28 7.50
CA ASP A 454 7.34 1.61 7.89
C ASP A 454 7.57 1.29 9.38
N ALA A 455 8.72 0.70 9.67
CA ALA A 455 9.29 0.76 11.02
C ALA A 455 8.32 0.20 12.03
N VAL A 456 7.92 -1.03 11.75
CA VAL A 456 6.96 -1.70 12.60
C VAL A 456 7.56 -1.93 13.98
N ALA A 457 8.88 -2.09 14.07
CA ALA A 457 9.49 -2.31 15.37
C ALA A 457 9.16 -1.15 16.31
N SER A 458 9.03 0.05 15.76
CA SER A 458 8.71 1.18 16.59
C SER A 458 7.40 0.95 17.32
N MET A 459 6.44 0.29 16.66
CA MET A 459 5.19 -0.09 17.36
C MET A 459 5.33 -1.28 18.33
N LEU A 460 6.04 -2.31 17.93
CA LEU A 460 6.08 -3.56 18.67
C LEU A 460 6.78 -3.47 20.05
N TYR A 461 7.84 -2.64 20.17
CA TYR A 461 8.69 -2.67 21.35
C TYR A 461 8.40 -1.51 22.26
N ARG A 462 8.23 -1.79 23.57
CA ARG A 462 7.91 -0.75 24.57
C ARG A 462 9.15 0.08 24.93
N ASN A 463 10.34 -0.44 24.61
CA ASN A 463 11.66 0.21 24.79
C ASN A 463 12.35 0.70 23.50
N TYR A 464 11.57 0.91 22.45
CA TYR A 464 12.15 1.32 21.19
C TYR A 464 12.76 2.70 21.33
N LEU A 465 14.09 2.75 21.20
CA LEU A 465 14.88 3.97 21.22
C LEU A 465 14.77 4.59 22.57
N ARG A 466 14.71 3.72 23.58
CA ARG A 466 14.70 4.11 24.99
C ARG A 466 15.76 3.28 25.71
N LYS A 467 16.39 3.86 26.73
CA LYS A 467 17.51 3.20 27.45
C LYS A 467 17.07 3.02 28.88
N GLU A 468 17.85 2.25 29.64
CA GLU A 468 17.44 1.75 30.96
C GLU A 468 16.80 2.86 31.83
N GLY A 469 15.76 2.50 32.56
CA GLY A 469 15.10 3.43 33.46
C GLY A 469 14.18 4.42 32.80
N GLU A 470 14.10 4.37 31.46
CA GLU A 470 13.39 5.36 30.68
C GLU A 470 12.16 4.77 29.94
N TRP A 471 11.83 3.52 30.29
CA TRP A 471 10.67 2.80 29.74
C TRP A 471 10.17 1.75 30.72
N ILE A 472 8.86 1.51 30.73
CA ILE A 472 8.22 0.48 31.58
C ILE A 472 7.76 -0.74 30.81
N ALA A 473 8.05 -1.91 31.34
CA ALA A 473 7.64 -3.16 30.75
C ALA A 473 6.12 -3.40 30.73
N ASN A 474 5.72 -4.36 29.91
CA ASN A 474 4.34 -4.80 29.91
C ASN A 474 4.00 -5.49 31.25
N GLU A 475 2.74 -5.89 31.39
CA GLU A 475 2.29 -6.53 32.61
C GLU A 475 2.98 -7.86 32.92
N TYR A 476 3.55 -8.58 31.93
CA TYR A 476 4.36 -9.80 32.25
C TYR A 476 5.85 -9.52 32.34
N GLY A 477 6.22 -8.23 32.41
CA GLY A 477 7.62 -7.83 32.42
C GLY A 477 8.40 -8.11 31.13
N GLY A 478 7.72 -8.13 29.99
CA GLY A 478 8.36 -8.22 28.68
C GLY A 478 8.55 -6.84 28.05
N ASP A 479 9.25 -6.83 26.92
CA ASP A 479 9.43 -5.60 26.16
C ASP A 479 8.30 -5.41 25.11
N GLU A 480 7.55 -6.49 24.84
CA GLU A 480 6.46 -6.48 23.86
C GLU A 480 5.39 -5.45 24.20
N HIS A 481 4.94 -4.73 23.17
CA HIS A 481 3.91 -3.71 23.29
C HIS A 481 2.55 -4.38 23.03
N ILE A 482 1.92 -4.87 24.08
CA ILE A 482 0.74 -5.71 23.89
C ILE A 482 -0.39 -5.03 23.05
N GLU A 483 -0.67 -3.77 23.34
CA GLU A 483 -1.73 -3.04 22.67
C GLU A 483 -1.42 -2.90 21.17
N ALA A 484 -0.15 -2.58 20.86
CA ALA A 484 0.27 -2.43 19.47
C ALA A 484 0.13 -3.75 18.71
N VAL A 485 0.60 -4.84 19.27
CA VAL A 485 0.40 -6.13 18.61
C VAL A 485 -1.09 -6.47 18.37
N SER A 486 -1.92 -6.19 19.34
CA SER A 486 -3.35 -6.45 19.19
C SER A 486 -3.84 -5.69 17.98
N PHE A 487 -3.50 -4.40 17.97
CA PHE A 487 -3.94 -3.50 16.94
C PHE A 487 -3.48 -3.93 15.53
N ILE A 488 -2.24 -4.36 15.38
CA ILE A 488 -1.74 -4.74 14.08
C ILE A 488 -2.46 -5.98 13.60
N ARG A 489 -2.78 -6.88 14.52
CA ARG A 489 -3.47 -8.09 14.14
C ARG A 489 -4.92 -7.86 13.78
N GLU A 490 -5.52 -6.85 14.43
CA GLU A 490 -6.87 -6.44 14.08
C GLU A 490 -6.80 -5.87 12.66
N VAL A 491 -5.84 -5.00 12.41
CA VAL A 491 -5.75 -4.34 11.10
C VAL A 491 -5.69 -5.42 10.03
N ASN A 492 -4.71 -6.29 10.17
CA ASN A 492 -4.54 -7.29 9.14
C ASN A 492 -5.71 -8.29 9.09
N THR A 493 -6.31 -8.65 10.23
CA THR A 493 -7.44 -9.54 10.18
C THR A 493 -8.60 -8.92 9.36
N LEU A 494 -9.00 -7.71 9.70
CA LEU A 494 -10.11 -7.03 9.02
C LEU A 494 -9.86 -6.69 7.55
N LEU A 495 -8.64 -6.29 7.26
CA LEU A 495 -8.30 -5.84 5.96
C LEU A 495 -8.47 -6.95 4.97
N PHE A 496 -7.91 -8.12 5.30
CA PHE A 496 -8.05 -9.33 4.46
C PHE A 496 -9.49 -9.87 4.38
N GLU A 497 -10.20 -9.71 5.47
CA GLU A 497 -11.57 -10.08 5.50
C GLU A 497 -12.39 -9.18 4.57
N TYR A 498 -12.33 -7.87 4.76
CA TYR A 498 -13.14 -6.94 3.94
C TYR A 498 -12.67 -6.90 2.46
N PHE A 499 -11.37 -7.08 2.23
CA PHE A 499 -10.76 -6.97 0.89
C PHE A 499 -9.71 -8.03 0.68
N PRO A 500 -10.15 -9.22 0.32
CA PRO A 500 -9.14 -10.25 0.09
C PRO A 500 -8.43 -9.92 -1.21
N GLY A 501 -7.22 -10.47 -1.38
CA GLY A 501 -6.48 -10.32 -2.64
C GLY A 501 -5.51 -9.14 -2.64
N ILE A 502 -5.55 -8.38 -1.55
CA ILE A 502 -4.67 -7.21 -1.36
C ILE A 502 -3.29 -7.60 -0.82
N LEU A 503 -2.39 -6.62 -0.76
CA LEU A 503 -1.07 -6.81 -0.16
C LEU A 503 -0.91 -6.00 1.12
N SER A 504 -0.49 -6.66 2.19
CA SER A 504 -0.13 -5.94 3.40
C SER A 504 1.31 -6.25 3.73
N ILE A 505 2.17 -5.27 3.51
CA ILE A 505 3.62 -5.43 3.55
C ILE A 505 4.17 -4.71 4.77
N ALA A 506 5.12 -5.33 5.43
CA ALA A 506 5.72 -4.77 6.63
C ALA A 506 7.23 -4.67 6.47
N GLU A 507 7.80 -3.56 6.93
CA GLU A 507 9.22 -3.49 7.20
C GLU A 507 9.34 -3.58 8.69
N GLU A 508 10.05 -4.59 9.17
CA GLU A 508 10.21 -4.80 10.60
C GLU A 508 11.63 -5.24 10.74
N SER A 509 12.45 -4.47 11.45
CA SER A 509 13.89 -4.72 11.38
C SER A 509 14.50 -5.31 12.64
N THR A 510 13.92 -6.37 13.24
CA THR A 510 14.46 -6.94 14.50
C THR A 510 14.29 -8.45 14.73
N GLU A 511 14.13 -9.26 13.70
CA GLU A 511 13.98 -10.72 13.96
C GLU A 511 12.69 -11.13 14.71
N TRP A 512 11.77 -10.21 14.94
CA TRP A 512 10.46 -10.55 15.45
C TRP A 512 9.85 -11.59 14.56
N GLU A 513 9.25 -12.62 15.15
CA GLU A 513 8.88 -13.83 14.41
C GLU A 513 7.49 -13.80 13.84
N LYS A 514 7.33 -14.48 12.72
CA LYS A 514 6.01 -14.57 12.07
C LYS A 514 5.37 -13.21 11.67
N VAL A 515 6.17 -12.30 11.16
CA VAL A 515 5.61 -11.02 10.74
C VAL A 515 4.61 -11.16 9.59
N SER A 516 4.92 -12.03 8.64
CA SER A 516 4.15 -12.13 7.43
C SER A 516 3.42 -13.44 7.46
N ARG A 517 3.08 -13.88 8.67
CA ARG A 517 2.33 -15.13 8.85
C ARG A 517 0.98 -14.83 9.52
N PRO A 518 0.02 -15.75 9.40
CA PRO A 518 -1.37 -15.50 9.78
C PRO A 518 -1.59 -15.34 11.26
N VAL A 519 -2.66 -14.61 11.60
CA VAL A 519 -2.91 -14.27 12.99
C VAL A 519 -3.26 -15.51 13.81
N TYR A 520 -4.01 -16.42 13.19
CA TYR A 520 -4.26 -17.68 13.84
C TYR A 520 -3.01 -18.51 14.14
N ASP A 521 -1.90 -18.35 13.44
CA ASP A 521 -0.66 -19.03 13.85
C ASP A 521 0.17 -18.10 14.70
N GLY A 522 -0.45 -17.12 15.33
CA GLY A 522 0.30 -16.15 16.11
C GLY A 522 1.18 -15.22 15.29
N GLY A 523 0.88 -15.04 14.01
CA GLY A 523 1.56 -14.03 13.22
C GLY A 523 1.04 -12.63 13.51
N LEU A 524 1.64 -11.64 12.82
CA LEU A 524 1.11 -10.28 12.88
C LEU A 524 0.12 -10.08 11.75
N GLY A 525 0.12 -11.00 10.82
CA GLY A 525 -0.85 -10.98 9.78
C GLY A 525 -0.49 -10.28 8.50
N PHE A 526 0.71 -9.76 8.33
CA PHE A 526 1.06 -9.28 7.00
C PHE A 526 1.18 -10.49 6.06
N ASN A 527 1.21 -10.26 4.75
CA ASN A 527 1.50 -11.34 3.80
C ASN A 527 2.79 -11.08 3.09
N LEU A 528 3.46 -9.96 3.39
CA LEU A 528 4.82 -9.72 2.92
C LEU A 528 5.62 -8.87 3.91
N LYS A 529 6.92 -9.15 3.97
CA LYS A 529 7.91 -8.47 4.80
C LYS A 529 9.09 -8.14 3.94
N TRP A 530 9.49 -6.88 3.93
CA TRP A 530 10.76 -6.49 3.33
C TRP A 530 11.90 -7.29 3.94
N ASP A 531 12.74 -7.92 3.11
CA ASP A 531 13.91 -8.68 3.61
C ASP A 531 15.11 -7.70 3.77
N MET A 532 15.17 -7.05 4.91
CA MET A 532 16.19 -6.06 5.14
C MET A 532 17.60 -6.69 5.13
N GLY A 533 17.73 -7.92 5.60
CA GLY A 533 19.00 -8.57 5.68
C GLY A 533 19.52 -8.76 4.28
N TRP A 534 18.65 -9.20 3.39
CA TRP A 534 19.02 -9.40 2.00
C TRP A 534 19.59 -8.13 1.43
N MET A 535 18.88 -7.03 1.69
CA MET A 535 19.24 -5.77 1.14
C MET A 535 20.64 -5.38 1.57
N HIS A 536 20.85 -5.48 2.87
CA HIS A 536 22.12 -5.16 3.42
C HIS A 536 23.17 -6.08 2.83
N ASP A 537 22.88 -7.38 2.74
CA ASP A 537 23.88 -8.31 2.24
C ASP A 537 24.21 -8.00 0.78
N MET A 538 23.18 -7.79 -0.02
CA MET A 538 23.40 -7.45 -1.43
C MET A 538 24.18 -6.17 -1.68
N LEU A 539 23.84 -5.10 -0.97
CA LEU A 539 24.50 -3.81 -1.23
C LEU A 539 25.91 -3.79 -0.69
N ASP A 540 26.09 -4.33 0.52
CA ASP A 540 27.43 -4.51 1.10
C ASP A 540 28.26 -5.35 0.15
N TYR A 541 27.69 -6.46 -0.29
CA TYR A 541 28.34 -7.28 -1.33
C TYR A 541 28.78 -6.53 -2.59
N PHE A 542 27.83 -5.88 -3.27
CA PHE A 542 28.19 -5.24 -4.54
C PHE A 542 29.16 -4.06 -4.40
N ASN A 543 29.22 -3.54 -3.19
CA ASN A 543 30.06 -2.43 -2.93
C ASN A 543 31.55 -2.76 -2.84
N ILE A 544 31.81 -4.04 -2.54
CA ILE A 544 33.14 -4.56 -2.35
C ILE A 544 33.83 -4.76 -3.68
N ASP A 545 35.12 -4.44 -3.80
CA ASP A 545 35.83 -4.74 -5.02
C ASP A 545 35.59 -6.18 -5.43
N PRO A 546 35.52 -6.41 -6.73
CA PRO A 546 35.31 -7.76 -7.22
C PRO A 546 36.36 -8.77 -6.76
N TYR A 547 37.63 -8.40 -6.79
CA TYR A 547 38.67 -9.33 -6.38
C TYR A 547 38.38 -9.87 -4.96
N PHE A 548 37.77 -9.05 -4.10
CA PHE A 548 37.58 -9.40 -2.70
C PHE A 548 36.25 -10.03 -2.41
N ARG A 549 35.44 -10.24 -3.45
CA ARG A 549 34.11 -10.83 -3.23
C ARG A 549 34.21 -12.28 -2.81
N GLN A 550 35.33 -12.90 -3.13
CA GLN A 550 35.59 -14.29 -2.73
C GLN A 550 35.61 -14.51 -1.25
N TYR A 551 35.96 -13.48 -0.50
CA TYR A 551 35.89 -13.53 0.97
C TYR A 551 34.45 -13.27 1.50
N HIS A 552 33.54 -12.85 0.61
CA HIS A 552 32.16 -12.56 1.03
C HIS A 552 31.07 -13.29 0.23
N GLN A 553 31.42 -14.44 -0.35
CA GLN A 553 30.44 -15.30 -0.99
C GLN A 553 29.21 -15.52 -0.11
N ASN A 554 29.35 -15.46 1.19
CA ASN A 554 28.16 -15.70 2.02
C ASN A 554 27.08 -14.61 2.01
N ASN A 555 27.42 -13.41 1.59
CA ASN A 555 26.41 -12.39 1.39
C ASN A 555 25.36 -12.84 0.38
N VAL A 556 25.85 -13.54 -0.66
CA VAL A 556 24.99 -14.03 -1.72
C VAL A 556 24.03 -15.10 -1.23
N THR A 557 24.56 -16.00 -0.39
CA THR A 557 23.89 -17.26 -0.07
C THR A 557 23.19 -17.27 1.27
N PHE A 558 23.48 -16.31 2.12
CA PHE A 558 22.98 -16.38 3.50
C PHE A 558 21.46 -16.33 3.62
N SER A 559 20.86 -15.34 2.95
CA SER A 559 19.43 -15.06 2.92
C SER A 559 18.58 -16.33 2.91
N MET A 560 18.98 -17.29 2.08
CA MET A 560 18.20 -18.52 1.91
C MET A 560 18.13 -19.44 3.13
N LEU A 561 19.03 -19.30 4.09
CA LEU A 561 18.84 -19.98 5.37
C LEU A 561 17.53 -19.62 6.03
N TYR A 562 17.28 -18.33 6.29
CA TYR A 562 16.04 -17.88 6.96
C TYR A 562 14.88 -17.65 5.99
N TYR A 563 15.13 -17.69 4.68
CA TYR A 563 14.14 -17.21 3.69
C TYR A 563 12.75 -17.73 3.94
N TYR A 564 12.62 -19.02 4.16
CA TYR A 564 11.29 -19.61 4.18
C TYR A 564 10.55 -19.39 5.47
N ASN A 565 11.05 -18.58 6.39
CA ASN A 565 10.26 -18.20 7.57
C ASN A 565 9.30 -17.05 7.40
N GLU A 566 9.32 -16.45 6.23
CA GLU A 566 8.45 -15.33 5.92
C GLU A 566 8.32 -15.28 4.40
N ASN A 567 7.28 -14.61 3.95
CA ASN A 567 7.13 -14.34 2.55
C ASN A 567 7.82 -13.02 2.28
N PHE A 568 8.96 -13.07 1.63
CA PHE A 568 9.83 -11.90 1.60
C PHE A 568 9.59 -11.10 0.36
N MET A 569 9.62 -9.77 0.55
CA MET A 569 9.68 -8.78 -0.54
C MET A 569 11.14 -8.29 -0.56
N LEU A 570 11.74 -8.34 -1.74
CA LEU A 570 13.12 -7.91 -1.88
C LEU A 570 13.07 -6.47 -2.29
N ALA A 571 13.30 -5.55 -1.35
CA ALA A 571 13.18 -4.14 -1.68
C ALA A 571 14.51 -3.47 -1.58
N LEU A 572 14.78 -2.66 -2.60
CA LEU A 572 15.84 -1.66 -2.60
C LEU A 572 15.16 -0.33 -2.65
N SER A 573 14.98 0.27 -1.47
CA SER A 573 14.04 1.38 -1.34
C SER A 573 14.68 2.76 -1.35
N HIS A 574 13.82 3.77 -1.26
CA HIS A 574 14.23 5.16 -1.18
C HIS A 574 15.24 5.35 -0.09
N ASP A 575 15.07 4.65 1.04
CA ASP A 575 15.97 4.88 2.17
C ASP A 575 17.41 4.56 1.86
N GLU A 576 17.63 3.75 0.82
CA GLU A 576 18.98 3.31 0.53
C GLU A 576 19.79 4.21 -0.42
N ILE A 577 19.19 5.31 -0.90
CA ILE A 577 19.86 6.27 -1.79
C ILE A 577 19.71 7.73 -1.31
N VAL A 578 19.81 7.92 -0.01
CA VAL A 578 19.79 9.21 0.64
C VAL A 578 20.91 9.24 1.67
N HIS A 579 21.15 10.43 2.24
CA HIS A 579 22.00 10.58 3.44
C HIS A 579 23.40 10.10 3.14
N GLY A 580 23.91 10.53 1.97
CA GLY A 580 25.24 10.11 1.54
C GLY A 580 25.46 8.62 1.46
N LYS A 581 24.44 7.84 1.14
CA LYS A 581 24.62 6.44 0.75
C LYS A 581 24.84 6.24 -0.77
N SER A 582 24.61 7.30 -1.57
CA SER A 582 24.70 7.31 -3.04
C SER A 582 23.67 6.50 -3.73
N ASN A 583 23.43 6.87 -4.98
CA ASN A 583 22.52 6.13 -5.80
C ASN A 583 23.21 4.85 -6.26
N MET A 584 22.47 3.95 -6.91
CA MET A 584 22.97 2.61 -7.15
C MET A 584 24.26 2.58 -7.95
N LEU A 585 24.37 3.41 -8.99
CA LEU A 585 25.65 3.45 -9.72
C LEU A 585 26.78 3.90 -8.84
N GLY A 586 26.51 4.90 -7.97
CA GLY A 586 27.47 5.39 -6.99
C GLY A 586 28.04 4.33 -6.06
N LYS A 587 27.31 3.26 -5.80
CA LYS A 587 27.76 2.31 -4.77
C LYS A 587 28.71 1.33 -5.38
N MET A 588 28.77 1.31 -6.70
CA MET A 588 29.47 0.24 -7.38
C MET A 588 30.91 0.64 -7.67
N PRO A 589 31.86 -0.28 -7.45
CA PRO A 589 33.22 0.06 -7.72
C PRO A 589 33.57 -0.15 -9.18
N GLY A 590 34.73 0.36 -9.57
CA GLY A 590 35.21 0.21 -10.97
C GLY A 590 34.92 1.42 -11.84
N ASP A 591 35.32 1.35 -13.09
CA ASP A 591 34.96 2.39 -14.07
C ASP A 591 33.45 2.40 -14.44
N GLU A 592 33.06 3.38 -15.26
CA GLU A 592 31.69 3.52 -15.66
C GLU A 592 31.18 2.17 -16.20
N TRP A 593 31.96 1.50 -17.04
CA TRP A 593 31.42 0.26 -17.59
C TRP A 593 31.06 -0.72 -16.47
N GLN A 594 32.01 -0.96 -15.57
CA GLN A 594 31.79 -1.94 -14.48
C GLN A 594 30.65 -1.50 -13.57
N LYS A 595 30.56 -0.18 -13.35
CA LYS A 595 29.52 0.33 -12.49
C LYS A 595 28.15 -0.14 -12.99
N TYR A 596 27.82 0.21 -14.24
CA TYR A 596 26.60 -0.29 -14.86
C TYR A 596 26.43 -1.84 -14.85
N ALA A 597 27.49 -2.58 -15.17
CA ALA A 597 27.45 -4.04 -15.12
C ALA A 597 27.09 -4.55 -13.74
N ASN A 598 27.64 -3.92 -12.71
CA ASN A 598 27.26 -4.33 -11.36
C ASN A 598 25.79 -4.13 -11.06
N VAL A 599 25.19 -3.04 -11.60
CA VAL A 599 23.77 -2.79 -11.41
C VAL A 599 22.96 -3.88 -12.14
N ARG A 600 23.26 -4.08 -13.42
CA ARG A 600 22.52 -5.07 -14.18
C ARG A 600 22.64 -6.41 -13.47
N ALA A 601 23.81 -6.73 -12.94
CA ALA A 601 24.01 -8.03 -12.36
C ALA A 601 23.21 -8.17 -11.06
N LEU A 602 23.31 -7.18 -10.20
CA LEU A 602 22.58 -7.16 -8.96
C LEU A 602 21.09 -7.31 -9.23
N PHE A 603 20.57 -6.45 -10.10
CA PHE A 603 19.12 -6.43 -10.35
C PHE A 603 18.65 -7.66 -11.08
N THR A 604 19.44 -8.19 -11.99
CA THR A 604 19.07 -9.46 -12.61
C THR A 604 19.08 -10.60 -11.58
N TYR A 605 20.04 -10.58 -10.66
CA TYR A 605 20.05 -11.57 -9.57
C TYR A 605 18.86 -11.38 -8.65
N MET A 606 18.42 -10.12 -8.47
CA MET A 606 17.28 -9.83 -7.62
C MET A 606 16.00 -10.32 -8.25
N TYR A 607 15.90 -10.17 -9.56
CA TYR A 607 14.66 -10.58 -10.24
C TYR A 607 14.62 -12.12 -10.36
N THR A 608 15.71 -12.83 -10.10
CA THR A 608 15.70 -14.29 -10.18
C THR A 608 15.71 -14.98 -8.81
N HIS A 609 16.22 -14.28 -7.83
CA HIS A 609 16.13 -14.75 -6.48
C HIS A 609 14.67 -14.92 -6.05
N PRO A 610 14.38 -15.91 -5.21
CA PRO A 610 13.01 -15.93 -4.68
C PRO A 610 12.62 -14.65 -3.96
N GLY A 611 11.45 -14.13 -4.35
CA GLY A 611 10.74 -13.10 -3.59
C GLY A 611 10.03 -12.16 -4.51
N LYS A 612 9.13 -11.33 -3.96
CA LYS A 612 8.57 -10.28 -4.76
C LYS A 612 9.63 -9.16 -4.85
N LYS A 613 9.36 -8.14 -5.67
CA LYS A 613 10.39 -7.15 -5.99
C LYS A 613 9.91 -5.70 -5.76
N THR A 614 10.78 -4.87 -5.19
CA THR A 614 10.51 -3.45 -5.10
C THR A 614 11.78 -2.65 -5.37
N MET A 615 11.68 -1.63 -6.24
CA MET A 615 12.75 -0.66 -6.48
C MET A 615 12.19 0.75 -6.63
N PHE A 616 13.03 1.75 -6.36
CA PHE A 616 12.60 3.14 -6.19
C PHE A 616 12.98 3.95 -7.40
N MET A 617 12.19 4.99 -7.64
CA MET A 617 12.35 5.77 -8.85
C MET A 617 13.77 6.28 -8.93
N SER A 618 14.27 6.38 -10.15
CA SER A 618 15.63 6.78 -10.49
C SER A 618 16.63 5.57 -10.58
N MET A 619 16.37 4.48 -9.87
CA MET A 619 17.24 3.29 -10.00
C MET A 619 17.26 2.70 -11.43
N GLU A 620 16.12 2.81 -12.09
CA GLU A 620 15.85 2.20 -13.35
C GLU A 620 16.48 2.92 -14.58
N PHE A 621 17.06 4.11 -14.40
CA PHE A 621 17.79 4.77 -15.49
C PHE A 621 19.16 5.29 -15.09
N GLY A 622 19.65 4.87 -13.92
CA GLY A 622 21.02 5.16 -13.54
C GLY A 622 21.23 6.60 -13.11
N GLN A 623 20.33 7.13 -12.30
CA GLN A 623 20.58 8.43 -11.76
C GLN A 623 21.85 8.42 -10.89
N TRP A 624 22.66 9.45 -11.04
CA TRP A 624 23.94 9.53 -10.31
C TRP A 624 23.70 10.18 -8.95
N SER A 625 23.11 11.37 -8.91
CA SER A 625 22.79 12.04 -7.67
C SER A 625 21.89 11.19 -6.82
N GLU A 626 22.06 11.29 -5.51
CA GLU A 626 21.15 10.66 -4.55
C GLU A 626 19.80 11.32 -4.73
N TRP A 627 18.73 10.65 -4.29
CA TRP A 627 17.37 11.13 -4.39
C TRP A 627 17.19 12.27 -3.48
N ASN A 628 16.71 13.36 -4.04
CA ASN A 628 16.49 14.54 -3.27
C ASN A 628 15.02 14.99 -3.33
N VAL A 629 14.37 14.91 -2.18
CA VAL A 629 12.96 15.23 -2.09
C VAL A 629 12.59 16.67 -2.45
N TRP A 630 13.57 17.55 -2.59
CA TRP A 630 13.30 18.95 -2.92
C TRP A 630 13.35 19.29 -4.39
N GLY A 631 13.86 18.39 -5.20
CA GLY A 631 13.81 18.57 -6.64
C GLY A 631 13.05 17.44 -7.26
N ASP A 632 13.17 17.28 -8.57
CA ASP A 632 12.57 16.15 -9.26
C ASP A 632 13.71 15.29 -9.71
N LEU A 633 13.45 14.22 -10.44
CA LEU A 633 14.56 13.33 -10.81
C LEU A 633 15.27 13.88 -12.02
N GLU A 634 16.56 13.54 -12.17
CA GLU A 634 17.40 14.05 -13.27
C GLU A 634 17.00 13.41 -14.60
N TRP A 635 15.82 13.76 -15.11
CA TRP A 635 15.32 13.16 -16.35
C TRP A 635 16.17 13.47 -17.57
N HIS A 636 16.99 14.52 -17.54
CA HIS A 636 17.85 14.82 -18.70
C HIS A 636 18.86 13.71 -19.03
N LEU A 637 19.10 12.79 -18.08
CA LEU A 637 20.07 11.72 -18.35
C LEU A 637 19.55 10.75 -19.39
N LEU A 638 18.23 10.70 -19.52
CA LEU A 638 17.60 9.78 -20.48
C LEU A 638 17.89 10.13 -21.91
N GLN A 639 18.51 11.27 -22.14
CA GLN A 639 18.91 11.63 -23.47
C GLN A 639 20.29 11.08 -23.80
N TYR A 640 20.84 10.14 -23.04
CA TYR A 640 22.18 9.58 -23.35
C TYR A 640 22.08 8.05 -23.35
N GLU A 641 22.81 7.40 -24.25
CA GLU A 641 22.77 5.93 -24.40
C GLU A 641 22.78 5.12 -23.12
N PRO A 642 23.82 5.27 -22.27
CA PRO A 642 23.97 4.37 -21.11
C PRO A 642 22.73 4.31 -20.24
N HIS A 643 22.15 5.47 -19.96
CA HIS A 643 20.93 5.53 -19.19
C HIS A 643 19.74 4.85 -19.90
N GLN A 644 19.58 5.13 -21.19
CA GLN A 644 18.56 4.46 -22.01
C GLN A 644 18.77 2.95 -22.08
N GLN A 645 20.01 2.53 -22.20
CA GLN A 645 20.28 1.10 -22.25
C GLN A 645 19.88 0.49 -20.90
N LEU A 646 20.24 1.14 -19.81
CA LEU A 646 19.82 0.60 -18.51
C LEU A 646 18.30 0.58 -18.37
N LYS A 647 17.63 1.62 -18.86
CA LYS A 647 16.17 1.60 -18.77
C LYS A 647 15.52 0.49 -19.63
N GLN A 648 16.12 0.21 -20.77
CA GLN A 648 15.63 -0.87 -21.62
C GLN A 648 15.77 -2.21 -20.93
N PHE A 649 16.90 -2.36 -20.26
CA PHE A 649 17.24 -3.52 -19.51
C PHE A 649 16.18 -3.77 -18.48
N PHE A 650 15.85 -2.76 -17.69
CA PHE A 650 14.75 -2.95 -16.76
C PHE A 650 13.40 -3.24 -17.45
N THR A 651 13.13 -2.63 -18.59
CA THR A 651 11.92 -2.91 -19.33
C THR A 651 11.86 -4.42 -19.71
N ASP A 652 12.96 -4.93 -20.25
CA ASP A 652 12.99 -6.35 -20.66
C ASP A 652 12.95 -7.33 -19.49
N LEU A 653 13.51 -6.93 -18.37
CA LEU A 653 13.59 -7.80 -17.20
C LEU A 653 12.22 -7.91 -16.59
N ASN A 654 11.50 -6.80 -16.54
CA ASN A 654 10.11 -6.81 -16.07
C ASN A 654 9.23 -7.68 -16.97
N ALA A 655 9.41 -7.51 -18.28
CA ALA A 655 8.70 -8.30 -19.28
C ALA A 655 8.97 -9.78 -19.08
N LEU A 656 10.25 -10.14 -18.92
CA LEU A 656 10.60 -11.51 -18.65
C LEU A 656 9.93 -11.94 -17.33
N TYR A 657 10.03 -11.11 -16.28
CA TYR A 657 9.49 -11.47 -14.96
C TYR A 657 8.09 -11.93 -15.17
N GLN A 658 7.33 -11.19 -15.96
CA GLN A 658 5.92 -11.45 -16.09
C GLN A 658 5.61 -12.62 -16.95
N GLN A 659 6.54 -12.99 -17.79
CA GLN A 659 6.29 -14.06 -18.71
C GLN A 659 6.84 -15.38 -18.27
N GLU A 660 7.58 -15.42 -17.17
CA GLU A 660 8.23 -16.66 -16.76
C GLU A 660 7.75 -17.18 -15.42
N PRO A 661 6.73 -18.04 -15.41
CA PRO A 661 6.14 -18.40 -14.13
C PRO A 661 7.09 -18.99 -13.07
N ALA A 662 8.17 -19.64 -13.48
CA ALA A 662 9.13 -20.12 -12.47
C ALA A 662 9.66 -19.00 -11.59
N LEU A 663 9.63 -17.76 -12.11
CA LEU A 663 9.99 -16.55 -11.35
C LEU A 663 8.95 -15.96 -10.37
N TYR A 664 7.70 -16.42 -10.41
CA TYR A 664 6.75 -15.97 -9.41
C TYR A 664 5.82 -17.00 -8.75
N THR A 665 5.54 -18.14 -9.38
CA THR A 665 4.45 -19.03 -8.89
C THR A 665 4.80 -19.79 -7.61
N HIS A 666 6.09 -20.04 -7.38
CA HIS A 666 6.55 -20.71 -6.15
C HIS A 666 7.63 -19.97 -5.37
N ASP A 667 7.50 -18.66 -5.35
CA ASP A 667 8.40 -17.85 -4.57
C ASP A 667 8.56 -18.42 -3.15
N PHE A 668 7.45 -18.79 -2.52
CA PHE A 668 7.52 -19.13 -1.09
C PHE A 668 7.34 -20.62 -0.77
N GLU A 669 7.78 -21.50 -1.68
CA GLU A 669 7.83 -22.94 -1.42
C GLU A 669 9.15 -23.48 -1.89
N TYR A 670 9.67 -24.48 -1.18
CA TYR A 670 10.94 -25.14 -1.56
C TYR A 670 11.00 -25.50 -3.03
N HIS A 671 9.87 -25.91 -3.57
CA HIS A 671 9.84 -26.42 -4.92
C HIS A 671 10.40 -25.38 -5.88
N GLY A 672 10.11 -24.11 -5.56
CA GLY A 672 10.49 -22.99 -6.40
C GLY A 672 11.98 -22.72 -6.58
N PHE A 673 12.81 -23.14 -5.62
CA PHE A 673 14.23 -22.82 -5.64
C PHE A 673 15.08 -23.98 -5.16
N GLU A 674 16.14 -24.25 -5.92
CA GLU A 674 17.24 -25.09 -5.49
C GLU A 674 18.55 -24.60 -6.14
N TRP A 675 19.59 -24.53 -5.30
CA TRP A 675 20.95 -24.15 -5.73
C TRP A 675 21.45 -25.24 -6.63
N ILE A 676 22.13 -24.87 -7.69
CA ILE A 676 22.87 -25.85 -8.46
C ILE A 676 24.22 -25.96 -7.75
N ASP A 677 25.00 -24.88 -7.76
CA ASP A 677 26.24 -24.78 -6.98
C ASP A 677 26.59 -23.34 -6.58
N CYS A 678 26.87 -23.18 -5.29
CA CYS A 678 27.33 -21.90 -4.78
C CYS A 678 28.69 -21.97 -4.02
N ASN A 679 29.60 -22.86 -4.44
CA ASN A 679 30.90 -23.07 -3.73
C ASN A 679 32.10 -22.52 -4.42
N ASP A 680 31.95 -22.08 -5.66
CA ASP A 680 33.05 -21.50 -6.38
C ASP A 680 33.11 -20.05 -6.00
N ASN A 681 33.51 -19.80 -4.77
CA ASN A 681 33.67 -18.44 -4.30
C ASN A 681 34.93 -17.76 -4.85
N THR A 682 35.93 -18.50 -5.32
CA THR A 682 37.11 -17.81 -5.86
C THR A 682 36.72 -17.04 -7.13
N HIS A 683 35.67 -17.45 -7.85
CA HIS A 683 35.26 -16.71 -9.06
C HIS A 683 33.98 -15.93 -8.85
N SER A 684 33.53 -15.90 -7.61
CA SER A 684 32.26 -15.32 -7.26
C SER A 684 31.18 -15.78 -8.24
N VAL A 685 30.96 -17.08 -8.30
CA VAL A 685 29.92 -17.64 -9.19
C VAL A 685 28.88 -18.42 -8.40
N VAL A 686 27.62 -18.24 -8.75
CA VAL A 686 26.55 -19.06 -8.16
C VAL A 686 25.51 -19.35 -9.21
N SER A 687 24.82 -20.48 -9.03
CA SER A 687 23.91 -21.00 -10.05
C SER A 687 22.74 -21.61 -9.33
N PHE A 688 21.55 -21.51 -9.92
CA PHE A 688 20.38 -22.10 -9.30
C PHE A 688 19.25 -22.35 -10.30
N LEU A 689 18.30 -23.19 -9.87
CA LEU A 689 17.08 -23.44 -10.63
C LEU A 689 15.90 -22.74 -10.02
N ARG A 690 14.92 -22.39 -10.85
CA ARG A 690 13.61 -21.96 -10.34
C ARG A 690 12.55 -22.82 -11.02
N ARG A 691 11.46 -23.11 -10.29
CA ARG A 691 10.44 -24.04 -10.73
C ARG A 691 9.01 -23.55 -10.56
N SER A 692 8.14 -24.09 -11.42
CA SER A 692 6.70 -23.80 -11.40
C SER A 692 5.95 -25.14 -11.40
N ASP A 693 4.67 -25.11 -11.71
CA ASP A 693 3.86 -26.35 -11.79
C ASP A 693 4.42 -27.23 -12.91
N ASP A 694 4.54 -26.62 -14.08
CA ASP A 694 5.01 -27.32 -15.24
C ASP A 694 6.53 -27.58 -15.13
N PRO A 695 6.96 -28.78 -15.48
CA PRO A 695 8.43 -28.94 -15.37
C PRO A 695 9.18 -28.33 -16.53
N ASN A 696 8.47 -28.04 -17.61
CA ASN A 696 9.09 -27.37 -18.73
C ASN A 696 9.32 -25.89 -18.50
N ASP A 697 8.73 -25.37 -17.43
CA ASP A 697 8.90 -23.98 -17.06
C ASP A 697 10.16 -23.71 -16.25
N SER A 698 10.93 -24.74 -15.95
CA SER A 698 12.08 -24.61 -15.06
C SER A 698 13.21 -23.81 -15.69
N LEU A 699 13.86 -22.96 -14.87
CA LEU A 699 14.90 -22.03 -15.33
C LEU A 699 16.21 -22.37 -14.66
N VAL A 700 17.29 -22.16 -15.40
CA VAL A 700 18.64 -22.25 -14.86
C VAL A 700 19.16 -20.84 -14.85
N VAL A 701 19.65 -20.43 -13.70
CA VAL A 701 20.17 -19.07 -13.55
C VAL A 701 21.64 -19.15 -13.16
N VAL A 702 22.49 -18.44 -13.88
CA VAL A 702 23.93 -18.50 -13.61
C VAL A 702 24.45 -17.09 -13.45
N CYS A 703 25.04 -16.84 -12.29
CA CYS A 703 25.58 -15.53 -11.96
C CYS A 703 27.11 -15.50 -11.90
N ASN A 704 27.69 -14.52 -12.55
CA ASN A 704 29.12 -14.30 -12.47
C ASN A 704 29.40 -12.85 -12.03
N PHE A 705 29.87 -12.74 -10.80
CA PHE A 705 29.96 -11.46 -10.12
C PHE A 705 31.40 -10.98 -10.10
N THR A 706 32.12 -11.11 -11.22
CA THR A 706 33.40 -10.36 -11.42
C THR A 706 33.58 -10.02 -12.89
N PRO A 707 34.46 -9.06 -13.17
CA PRO A 707 34.73 -8.73 -14.57
C PRO A 707 35.49 -9.79 -15.34
N GLN A 708 36.08 -10.78 -14.66
CA GLN A 708 36.70 -11.92 -15.33
C GLN A 708 35.59 -12.77 -16.01
N PRO A 709 35.62 -12.88 -17.37
CA PRO A 709 34.70 -13.77 -18.08
C PRO A 709 35.18 -15.17 -17.90
N HIS A 710 34.33 -16.16 -18.15
CA HIS A 710 34.78 -17.53 -18.11
C HIS A 710 34.37 -18.30 -19.38
N SER A 711 35.34 -18.95 -20.02
CA SER A 711 35.21 -19.47 -21.38
C SER A 711 34.54 -20.85 -21.44
N HIS A 712 34.90 -21.75 -20.51
CA HIS A 712 34.29 -23.07 -20.52
C HIS A 712 33.98 -23.43 -19.11
N TYR A 713 32.93 -22.79 -18.60
CA TYR A 713 32.49 -22.95 -17.23
C TYR A 713 31.34 -23.94 -17.22
N ARG A 714 31.52 -25.07 -16.53
CA ARG A 714 30.54 -26.15 -16.58
C ARG A 714 29.57 -25.93 -15.44
N ILE A 715 28.28 -26.04 -15.76
CA ILE A 715 27.18 -25.99 -14.77
C ILE A 715 26.35 -27.25 -14.95
N GLY A 716 25.89 -27.84 -13.87
CA GLY A 716 25.05 -29.03 -13.97
C GLY A 716 23.58 -28.68 -14.14
N VAL A 717 22.88 -29.42 -14.98
CA VAL A 717 21.46 -29.20 -15.20
C VAL A 717 20.73 -30.53 -14.94
N PRO A 718 19.40 -30.52 -14.86
CA PRO A 718 18.84 -31.79 -14.46
C PRO A 718 18.39 -32.66 -15.65
N GLU A 719 18.33 -32.11 -16.87
CA GLU A 719 17.82 -32.88 -18.02
C GLU A 719 18.48 -32.55 -19.34
N ALA A 720 18.60 -33.53 -20.24
CA ALA A 720 19.18 -33.27 -21.56
C ALA A 720 18.32 -32.30 -22.39
N GLY A 721 18.98 -31.59 -23.31
CA GLY A 721 18.26 -30.78 -24.30
C GLY A 721 18.93 -29.46 -24.63
N TYR A 722 18.36 -28.72 -25.59
CA TYR A 722 18.87 -27.38 -25.88
C TYR A 722 18.36 -26.44 -24.82
N TYR A 723 19.28 -25.72 -24.20
CA TYR A 723 18.88 -24.73 -23.26
C TYR A 723 18.97 -23.38 -23.95
N VAL A 724 17.85 -22.65 -23.98
CA VAL A 724 17.82 -21.37 -24.67
C VAL A 724 18.33 -20.31 -23.70
N GLU A 725 19.13 -19.41 -24.24
CA GLU A 725 19.45 -18.19 -23.51
C GLU A 725 18.22 -17.29 -23.55
N LEU A 726 17.49 -17.26 -22.44
CA LEU A 726 16.34 -16.40 -22.30
C LEU A 726 16.71 -14.93 -22.07
N PHE A 727 17.77 -14.74 -21.31
CA PHE A 727 18.21 -13.42 -20.90
C PHE A 727 19.69 -13.48 -20.59
N ASN A 728 20.39 -12.41 -20.91
CA ASN A 728 21.81 -12.30 -20.66
C ASN A 728 22.16 -10.83 -20.49
N SER A 729 22.45 -10.46 -19.24
CA SER A 729 22.70 -9.09 -18.83
C SER A 729 23.90 -8.46 -19.53
N ASP A 730 24.81 -9.24 -20.12
CA ASP A 730 25.92 -8.62 -20.84
C ASP A 730 25.62 -8.26 -22.30
N ALA A 731 24.39 -8.49 -22.72
CA ALA A 731 23.95 -8.09 -24.05
C ALA A 731 24.32 -6.65 -24.44
N LYS A 732 24.74 -6.50 -25.69
CA LYS A 732 25.16 -5.21 -26.24
C LYS A 732 24.11 -4.10 -25.97
N GLN A 733 22.83 -4.48 -26.09
CA GLN A 733 21.79 -3.48 -26.04
C GLN A 733 21.39 -3.09 -24.64
N TYR A 734 22.14 -3.57 -23.64
CA TYR A 734 22.00 -3.14 -22.25
C TYR A 734 23.26 -2.44 -21.71
N GLY A 735 24.25 -2.29 -22.58
CA GLY A 735 25.49 -1.66 -22.22
C GLY A 735 26.59 -2.67 -21.97
N GLY A 736 26.27 -3.96 -22.08
CA GLY A 736 27.26 -5.03 -21.89
C GLY A 736 28.22 -5.18 -23.07
N SER A 737 29.22 -6.06 -22.91
CA SER A 737 30.27 -6.38 -23.93
C SER A 737 29.83 -7.37 -24.98
N ASN A 738 28.69 -7.99 -24.74
CA ASN A 738 28.06 -8.92 -25.68
C ASN A 738 28.68 -10.32 -25.70
N MET A 739 29.52 -10.65 -24.76
CA MET A 739 29.82 -12.06 -24.54
C MET A 739 28.57 -12.84 -24.11
N GLY A 740 28.60 -14.14 -24.38
CA GLY A 740 27.41 -14.98 -24.23
C GLY A 740 27.47 -16.32 -24.93
N ASN A 741 26.32 -16.99 -25.05
CA ASN A 741 26.29 -18.32 -25.67
C ASN A 741 25.53 -18.34 -26.99
N LEU A 742 25.53 -17.23 -27.69
CA LEU A 742 25.07 -17.22 -29.05
C LEU A 742 23.61 -17.69 -29.24
N GLY A 743 22.90 -17.85 -28.11
CA GLY A 743 21.46 -18.04 -28.10
C GLY A 743 21.00 -19.25 -27.32
N GLY A 744 21.95 -20.15 -27.03
CA GLY A 744 21.60 -21.37 -26.30
C GLY A 744 22.72 -22.38 -26.43
N LYS A 745 22.61 -23.48 -25.70
CA LYS A 745 23.66 -24.46 -25.68
C LYS A 745 23.06 -25.82 -25.48
N TRP A 746 23.63 -26.80 -26.18
CA TRP A 746 23.30 -28.21 -25.96
C TRP A 746 23.98 -28.74 -24.72
N ALA A 747 23.20 -29.37 -23.85
CA ALA A 747 23.73 -29.97 -22.63
C ALA A 747 24.51 -31.20 -23.00
N ASP A 748 25.37 -31.66 -22.09
CA ASP A 748 26.20 -32.84 -22.31
C ASP A 748 25.79 -33.97 -21.41
N GLU A 749 25.97 -35.22 -21.87
CA GLU A 749 25.89 -36.36 -20.97
C GLU A 749 27.20 -36.41 -20.17
N TRP A 750 27.23 -35.66 -19.07
CA TRP A 750 28.47 -35.36 -18.35
C TRP A 750 28.06 -34.87 -16.98
N SER A 751 28.19 -35.75 -16.00
CA SER A 751 27.71 -35.49 -14.65
C SER A 751 28.46 -34.29 -14.04
N PHE A 752 27.75 -33.43 -13.32
CA PHE A 752 28.36 -32.30 -12.60
C PHE A 752 27.45 -31.76 -11.51
N HIS A 753 28.04 -31.07 -10.55
CA HIS A 753 27.31 -30.62 -9.35
C HIS A 753 26.15 -31.56 -8.99
N ASN A 754 26.45 -32.86 -8.98
CA ASN A 754 25.44 -33.89 -8.74
C ASN A 754 24.23 -33.93 -9.65
N LYS A 755 24.45 -33.79 -10.94
CA LYS A 755 23.34 -33.89 -11.87
C LYS A 755 23.79 -34.68 -13.07
N PRO A 756 22.89 -35.45 -13.67
CA PRO A 756 23.22 -36.28 -14.82
C PRO A 756 23.84 -35.52 -15.99
N TYR A 757 23.16 -34.50 -16.49
CA TYR A 757 23.62 -33.74 -17.68
C TYR A 757 24.29 -32.44 -17.20
N SER A 758 24.94 -31.71 -18.10
CA SER A 758 25.55 -30.44 -17.73
C SER A 758 25.80 -29.51 -18.92
N LEU A 759 26.04 -28.23 -18.63
CA LEU A 759 26.22 -27.20 -19.69
C LEU A 759 27.63 -26.61 -19.63
N ASP A 760 28.22 -26.35 -20.79
CA ASP A 760 29.55 -25.79 -20.87
C ASP A 760 29.39 -24.37 -21.39
N LEU A 761 29.35 -23.41 -20.45
CA LEU A 761 28.91 -22.07 -20.76
C LEU A 761 30.04 -21.09 -20.89
N CYS A 762 29.79 -20.08 -21.70
CA CYS A 762 30.46 -18.83 -21.57
C CYS A 762 29.79 -17.99 -20.48
N LEU A 763 30.53 -17.60 -19.44
CA LEU A 763 30.00 -16.69 -18.46
C LEU A 763 30.49 -15.30 -18.79
N PRO A 764 29.56 -14.38 -19.13
CA PRO A 764 30.02 -13.04 -19.44
C PRO A 764 30.44 -12.29 -18.16
N PRO A 765 31.19 -11.18 -18.33
CA PRO A 765 31.65 -10.35 -17.20
C PRO A 765 30.51 -9.59 -16.44
N LEU A 766 30.50 -9.70 -15.10
CA LEU A 766 29.54 -8.99 -14.24
C LEU A 766 28.13 -9.15 -14.79
N ALA A 767 27.73 -10.41 -14.89
CA ALA A 767 26.57 -10.69 -15.68
C ALA A 767 25.84 -11.83 -15.10
N VAL A 768 24.58 -11.96 -15.54
CA VAL A 768 23.70 -13.07 -15.16
C VAL A 768 23.01 -13.65 -16.39
N LEU A 769 22.91 -14.98 -16.43
CA LEU A 769 22.26 -15.67 -17.54
C LEU A 769 21.04 -16.37 -17.03
N ILE A 770 19.97 -16.32 -17.81
CA ILE A 770 18.77 -17.09 -17.52
C ILE A 770 18.50 -17.99 -18.71
N LEU A 771 18.54 -19.30 -18.46
CA LEU A 771 18.40 -20.31 -19.51
C LEU A 771 17.19 -21.20 -19.23
N LYS A 772 16.54 -21.67 -20.29
CA LYS A 772 15.36 -22.53 -20.15
C LYS A 772 15.44 -23.62 -21.19
N LEU A 773 15.02 -24.82 -20.79
CA LEU A 773 15.02 -25.97 -21.67
C LEU A 773 13.92 -25.86 -22.70
N ASP A 774 14.29 -26.02 -23.96
CA ASP A 774 13.35 -26.11 -25.06
C ASP A 774 13.28 -27.57 -25.50
N PRO A 775 12.29 -28.33 -24.99
CA PRO A 775 12.30 -29.77 -25.25
C PRO A 775 11.75 -30.16 -26.63
N THR A 776 11.53 -29.18 -27.50
CA THR A 776 10.97 -29.42 -28.80
C THR A 776 11.91 -28.71 -29.76
N LYS A 777 13.05 -29.34 -29.99
CA LYS A 777 14.13 -28.68 -30.71
C LYS A 777 14.99 -29.75 -31.39
N VAL A 778 15.56 -29.36 -32.54
CA VAL A 778 16.12 -30.26 -33.59
C VAL A 778 17.58 -30.80 -33.38
N PRO A 779 17.74 -32.05 -32.84
CA PRO A 779 19.14 -32.53 -32.64
C PRO A 779 19.82 -33.04 -33.91
C1 GLC B . 12.75 8.36 8.05
C2 GLC B . 13.99 9.14 7.55
C3 GLC B . 14.09 10.63 7.98
C4 GLC B . 12.85 11.24 8.62
C5 GLC B . 11.57 10.38 8.57
C6 GLC B . 10.38 11.26 8.18
O2 GLC B . 15.18 8.44 7.90
O3 GLC B . 14.32 11.49 6.89
O4 GLC B . 13.14 11.60 9.97
O5 GLC B . 11.63 9.18 7.78
O6 GLC B . 9.68 11.69 9.35
C1 GLC B . 13.84 12.86 10.19
C2 GLC B . 14.11 13.03 11.71
C3 GLC B . 12.92 13.70 12.44
C4 GLC B . 12.50 15.00 11.74
C5 GLC B . 12.13 14.63 10.28
C6 GLC B . 11.52 15.78 9.45
O2 GLC B . 14.46 11.79 12.30
O3 GLC B . 13.23 13.96 13.79
O4 GLC B . 11.38 15.60 12.40
O5 GLC B . 13.24 14.03 9.61
O6 GLC B . 12.36 16.93 9.37
C1 GLC B . 11.64 16.83 13.12
C2 GLC B . 10.45 17.13 14.06
C3 GLC B . 9.25 17.40 13.15
C4 GLC B . 9.52 18.78 12.49
C5 GLC B . 10.81 18.69 11.66
C6 GLC B . 11.20 20.10 11.17
O2 GLC B . 10.20 16.10 14.98
O3 GLC B . 7.99 17.29 13.78
O4 GLC B . 8.48 19.16 11.62
O5 GLC B . 11.89 18.00 12.32
O6 GLC B . 12.52 20.16 10.68
C1 GLC B . 7.46 19.92 12.29
C2 GLC B . 6.17 19.77 11.49
C3 GLC B . 6.20 20.67 10.24
C4 GLC B . 6.81 22.06 10.39
C5 GLC B . 8.04 22.09 11.32
C6 GLC B . 8.37 23.50 11.84
O2 GLC B . 5.94 18.39 11.17
O3 GLC B . 4.93 20.92 9.68
O4 GLC B . 7.08 22.55 9.07
O5 GLC B . 7.82 21.28 12.47
O6 GLC B . 9.72 23.80 11.55
C1 GLC B . 6.62 23.93 8.87
C2 GLC B . 5.28 24.01 8.13
C3 GLC B . 5.40 23.67 6.65
C4 GLC B . 6.54 24.46 6.00
C5 GLC B . 7.82 24.39 6.85
C6 GLC B . 8.96 25.25 6.28
O2 GLC B . 4.30 23.22 8.75
O3 GLC B . 4.16 23.92 6.00
O4 GLC B . 6.86 23.86 4.76
O5 GLC B . 7.58 24.73 8.21
O6 GLC B . 9.52 26.11 7.25
C1 GLC B . 6.37 24.43 3.52
C2 GLC B . 7.10 23.57 2.46
C3 GLC B . 8.39 24.26 1.95
C4 GLC B . 8.19 25.72 1.48
C5 GLC B . 6.92 26.40 2.08
C6 GLC B . 5.69 26.43 1.15
O2 GLC B . 7.27 22.23 2.96
O3 GLC B . 8.95 23.52 0.87
O4 GLC B . 9.39 26.48 1.66
O5 GLC B . 6.50 25.87 3.35
O6 GLC B . 5.95 26.93 -0.15
C1 GLC C . -9.42 1.02 29.56
C2 GLC C . -9.75 1.04 28.07
C3 GLC C . -10.05 2.45 27.56
C4 GLC C . -11.18 3.04 28.38
C5 GLC C . -10.86 2.91 29.89
C6 GLC C . -12.05 3.30 30.77
O1 GLC C . -8.28 1.79 29.87
O2 GLC C . -8.68 0.52 27.33
O3 GLC C . -10.41 2.42 26.19
O4 GLC C . -11.42 4.42 28.03
O5 GLC C . -10.50 1.58 30.25
O6 GLC C . -13.22 2.60 30.39
C1 GLC C . -12.71 4.71 27.41
C2 GLC C . -12.56 5.78 26.32
C3 GLC C . -12.30 7.20 26.86
C4 GLC C . -13.19 7.56 28.06
C5 GLC C . -13.22 6.38 29.03
C6 GLC C . -14.07 6.65 30.28
O2 GLC C . -11.56 5.35 25.41
O3 GLC C . -12.61 8.20 25.92
O4 GLC C . -12.72 8.77 28.68
O5 GLC C . -13.65 5.21 28.34
O6 GLC C . -15.43 6.44 30.01
C1 GLC C . -13.62 9.90 28.65
C2 GLC C . -12.95 11.12 29.29
C3 GLC C . -12.93 10.97 30.80
C4 GLC C . -14.40 11.09 31.27
C5 GLC C . -15.35 10.15 30.48
C6 GLC C . -16.70 10.82 30.13
O2 GLC C . -11.64 11.38 28.79
O3 GLC C . -12.14 12.00 31.34
O4 GLC C . -14.58 10.94 32.68
O5 GLC C . -14.84 9.57 29.27
O6 GLC C . -16.52 12.00 29.37
C1 GLC C . -15.01 12.22 33.27
C2 GLC C . -14.74 12.21 34.77
C3 GLC C . -15.75 11.30 35.49
C4 GLC C . -17.19 11.78 35.19
C5 GLC C . -17.38 11.83 33.66
C6 GLC C . -18.79 12.26 33.22
O2 GLC C . -13.40 11.83 35.00
O3 GLC C . -15.50 11.22 36.88
O4 GLC C . -18.13 10.90 35.77
O5 GLC C . -16.36 12.63 33.03
O6 GLC C . -19.29 13.32 34.02
C1 GLC D . -8.00 31.59 12.16
C2 GLC D . -7.90 30.17 11.51
C3 GLC D . -7.45 30.20 10.05
C4 GLC D . -8.38 31.10 9.28
C5 GLC D . -8.42 32.48 9.88
C6 GLC D . -9.31 33.39 9.04
O1 GLC D . -6.76 32.11 12.64
O2 GLC D . -7.15 29.19 12.22
O3 GLC D . -7.53 28.91 9.48
O4 GLC D . -7.83 31.25 8.00
O5 GLC D . -8.70 32.50 11.29
O6 GLC D . -9.26 34.62 9.71
C1 GLC D . -8.37 30.35 7.03
C2 GLC D . -7.32 29.48 6.33
C3 GLC D . -6.87 29.95 4.94
C4 GLC D . -7.54 31.23 4.37
C5 GLC D . -8.21 32.04 5.48
C6 GLC D . -9.05 33.26 5.06
O2 GLC D . -6.16 29.18 7.10
O3 GLC D . -7.13 28.80 4.12
O4 GLC D . -6.57 32.06 3.79
O5 GLC D . -9.06 31.13 6.10
O6 GLC D . -9.92 33.02 3.97
C1 GLC D . -6.77 32.37 2.38
C2 GLC D . -5.41 32.83 1.81
C3 GLC D . -5.11 34.23 2.36
C4 GLC D . -6.11 35.16 1.68
C5 GLC D . -7.51 34.75 2.17
C6 GLC D . -8.68 35.57 1.57
O2 GLC D . -4.36 31.92 2.11
O3 GLC D . -3.77 34.64 2.19
O4 GLC D . -5.75 36.47 2.02
O5 GLC D . -7.79 33.34 2.07
O6 GLC D . -8.54 35.80 0.19
C1 GLC E . -0.20 -22.69 8.30
C2 GLC E . 1.08 -21.98 7.87
C3 GLC E . 0.74 -20.84 6.93
C4 GLC E . -0.10 -21.29 5.73
C5 GLC E . -1.24 -22.29 6.11
C6 GLC E . -1.55 -23.23 4.93
O2 GLC E . 1.70 -21.40 9.00
O3 GLC E . 1.92 -20.18 6.50
O4 GLC E . -0.65 -20.09 5.16
O5 GLC E . -1.00 -23.14 7.22
O6 GLC E . -2.08 -22.51 3.87
C1 GLC E . -0.11 -19.65 3.88
C2 GLC E . 0.90 -18.47 3.94
C3 GLC E . 0.27 -17.23 4.57
C4 GLC E . -0.99 -16.81 3.79
C5 GLC E . -1.88 -18.03 3.40
C6 GLC E . -2.81 -17.70 2.21
O2 GLC E . 2.11 -18.79 4.59
O3 GLC E . 1.20 -16.17 4.76
O4 GLC E . -1.74 -15.92 4.61
O5 GLC E . -1.19 -19.23 3.05
O6 GLC E . -2.01 -17.34 1.08
C1 GLC E . -1.72 -14.52 4.27
C2 GLC E . -1.32 -13.70 5.51
C3 GLC E . -2.43 -13.58 6.55
C4 GLC E . -3.87 -13.48 6.00
C5 GLC E . -4.02 -14.31 4.72
C6 GLC E . -5.38 -14.10 4.07
O2 GLC E . -0.17 -14.25 6.14
O3 GLC E . -2.14 -12.44 7.29
O4 GLC E . -4.77 -13.97 6.98
O5 GLC E . -2.97 -14.04 3.81
O6 GLC E . -5.61 -15.19 3.19
C1 GLC E . -5.51 -12.97 7.68
C2 GLC E . -5.38 -13.20 9.19
C3 GLC E . -6.16 -14.43 9.67
C4 GLC E . -7.58 -14.52 9.08
C5 GLC E . -7.51 -14.27 7.56
C6 GLC E . -8.85 -14.30 6.79
O2 GLC E . -4.01 -13.32 9.53
O3 GLC E . -6.21 -14.37 11.07
O4 GLC E . -8.11 -15.80 9.41
O5 GLC E . -6.89 -13.00 7.34
O6 GLC E . -8.67 -14.06 5.40
C1 GLC E . -9.58 -15.93 9.51
C2 GLC E . -10.11 -16.10 10.95
C3 GLC E . -9.58 -17.39 11.60
C4 GLC E . -9.86 -18.63 10.74
C5 GLC E . -9.64 -18.34 9.23
C6 GLC E . -10.33 -19.33 8.30
O2 GLC E . -9.84 -14.96 11.72
O3 GLC E . -10.07 -17.59 12.89
O4 GLC E . -8.97 -19.62 11.24
O5 GLC E . -10.08 -17.05 8.80
O6 GLC E . -11.37 -18.67 7.62
C1 GLC E . -9.41 -21.00 11.24
C2 GLC E . -8.75 -21.75 12.40
C3 GLC E . -7.30 -22.07 12.07
C4 GLC E . -7.19 -22.86 10.77
C5 GLC E . -7.86 -22.08 9.63
C6 GLC E . -8.01 -22.88 8.32
O2 GLC E . -8.75 -20.96 13.57
O3 GLC E . -6.68 -22.77 13.13
O4 GLC E . -5.79 -22.97 10.61
O5 GLC E . -9.17 -21.67 10.00
O6 GLC E . -7.77 -22.06 7.18
C1 GLC E . -5.29 -24.26 10.24
C2 GLC E . -3.86 -24.45 10.84
C3 GLC E . -2.75 -23.83 10.00
C4 GLC E . -2.93 -24.16 8.50
C5 GLC E . -4.34 -23.65 8.09
C6 GLC E . -4.74 -23.57 6.59
O2 GLC E . -3.77 -23.91 12.12
O3 GLC E . -1.51 -24.23 10.55
O4 GLC E . -1.85 -23.64 7.73
O5 GLC E . -5.31 -24.39 8.83
O6 GLC E . -4.62 -24.78 5.84
C1 GLC F . 35.60 -30.40 -4.44
C2 GLC F . 34.30 -29.63 -4.18
C3 GLC F . 33.85 -28.69 -5.35
C4 GLC F . 35.00 -27.81 -5.83
C5 GLC F . 36.16 -28.80 -6.09
C6 GLC F . 37.36 -28.17 -6.77
O2 GLC F . 33.30 -30.58 -3.88
O3 GLC F . 32.71 -27.88 -5.13
O4 GLC F . 34.62 -27.17 -7.06
O5 GLC F . 36.54 -29.44 -4.88
O6 GLC F . 37.96 -27.25 -5.91
C1 GLC F . 34.05 -25.85 -7.02
C2 GLC F . 32.73 -25.76 -7.79
C3 GLC F . 32.89 -25.77 -9.32
C4 GLC F . 34.04 -24.89 -9.79
C5 GLC F . 35.25 -25.09 -8.93
C6 GLC F . 36.30 -24.11 -9.42
O2 GLC F . 31.86 -26.80 -7.40
O3 GLC F . 31.71 -25.30 -9.94
O4 GLC F . 34.50 -25.22 -11.09
O5 GLC F . 34.92 -24.88 -7.57
O6 GLC F . 37.34 -24.20 -8.49
C1 GLC F . 34.30 -24.18 -12.03
C2 GLC F . 33.60 -24.75 -13.23
C3 GLC F . 34.54 -25.66 -14.04
C4 GLC F . 35.79 -24.88 -14.46
C5 GLC F . 36.41 -24.37 -13.16
C6 GLC F . 37.66 -23.56 -13.53
O2 GLC F . 32.45 -25.44 -12.77
O3 GLC F . 33.88 -26.18 -15.15
O4 GLC F . 36.78 -25.69 -15.07
O5 GLC F . 35.50 -23.59 -12.42
O6 GLC F . 38.06 -22.70 -12.49
C1 GLC F . 37.18 -25.37 -16.45
C2 GLC F . 36.95 -26.65 -17.24
C3 GLC F . 37.72 -27.74 -16.48
C4 GLC F . 39.19 -27.52 -16.82
C5 GLC F . 39.58 -26.00 -16.82
C6 GLC F . 40.28 -25.70 -18.14
O2 GLC F . 35.58 -26.98 -17.35
O3 GLC F . 37.26 -29.05 -16.70
O4 GLC F . 40.02 -28.29 -15.96
O5 GLC F . 38.56 -24.99 -16.60
O6 GLC F . 41.27 -24.76 -17.87
C1 GLC G . 31.47 -24.39 -28.00
C2 GLC G . 32.44 -23.54 -28.83
C3 GLC G . 31.70 -22.65 -29.84
C4 GLC G . 30.36 -23.29 -30.22
C5 GLC G . 29.54 -23.20 -28.92
C6 GLC G . 28.11 -23.68 -29.09
O1 GLC G . 32.03 -24.62 -26.72
O2 GLC G . 33.34 -22.79 -28.04
O3 GLC G . 32.54 -22.40 -30.94
O4 GLC G . 29.66 -22.55 -31.21
O5 GLC G . 30.17 -23.84 -27.83
O6 GLC G . 27.42 -22.71 -29.85
C1 GLC G . 29.47 -23.14 -32.52
C2 GLC G . 30.22 -22.33 -33.57
C3 GLC G . 29.60 -20.93 -33.68
C4 GLC G . 28.15 -20.99 -34.11
C5 GLC G . 27.46 -21.88 -33.05
C6 GLC G . 25.96 -22.07 -33.24
O2 GLC G . 31.56 -22.17 -33.22
O3 GLC G . 30.38 -20.10 -34.52
O4 GLC G . 27.64 -19.67 -34.04
O5 GLC G . 28.10 -23.15 -32.95
O6 GLC G . 25.56 -21.57 -34.51
C1 GLC G . 27.01 -19.09 -35.22
C2 GLC G . 27.68 -17.79 -35.65
C3 GLC G . 27.30 -16.56 -34.84
C4 GLC G . 25.82 -16.45 -34.56
C5 GLC G . 25.28 -17.83 -34.15
C6 GLC G . 23.76 -17.85 -34.05
O2 GLC G . 29.06 -17.95 -35.49
O3 GLC G . 27.62 -15.43 -35.59
O4 GLC G . 25.72 -15.50 -33.49
O5 GLC G . 25.62 -18.84 -35.06
O6 GLC G . 23.23 -17.27 -35.20
C1 GLC G . 24.91 -14.29 -33.68
C2 GLC G . 25.74 -13.13 -33.18
C3 GLC G . 25.84 -13.06 -31.64
C4 GLC G . 24.51 -13.32 -30.89
C5 GLC G . 23.75 -14.46 -31.60
C6 GLC G . 22.38 -14.76 -30.99
O2 GLC G . 27.04 -13.30 -33.68
O3 GLC G . 26.35 -11.80 -31.29
O4 GLC G . 24.75 -13.72 -29.54
O5 GLC G . 23.65 -14.25 -32.99
O6 GLC G . 21.44 -13.78 -31.28
C1 GLC G . 25.20 -12.69 -28.62
C2 GLC G . 25.17 -13.27 -27.23
C3 GLC G . 23.74 -13.66 -26.86
C4 GLC G . 22.81 -12.43 -26.94
C5 GLC G . 23.03 -11.73 -28.27
C6 GLC G . 22.27 -10.41 -28.33
O2 GLC G . 26.09 -14.33 -27.08
O3 GLC G . 23.75 -14.25 -25.58
O4 GLC G . 21.46 -12.76 -27.00
O5 GLC G . 24.43 -11.51 -28.50
O6 GLC G . 22.90 -9.38 -27.59
C1 GLC G . 20.93 -13.26 -25.76
C2 GLC G . 19.59 -13.93 -26.02
C3 GLC G . 18.60 -12.89 -26.54
C4 GLC G . 18.45 -11.79 -25.52
C5 GLC G . 19.79 -11.24 -25.03
C6 GLC G . 19.65 -10.34 -23.79
O2 GLC G . 19.75 -15.02 -26.91
O3 GLC G . 17.32 -13.40 -26.68
O4 GLC G . 17.69 -10.78 -26.13
O5 GLC G . 20.72 -12.29 -24.75
O6 GLC G . 18.40 -10.46 -23.12
C1 GLC H . 39.26 0.98 -22.41
C2 GLC H . 37.83 1.43 -22.15
C3 GLC H . 37.43 0.77 -20.85
C4 GLC H . 37.46 -0.76 -21.08
C5 GLC H . 38.67 -1.30 -21.92
C6 GLC H . 38.40 -2.54 -22.82
O1 GLC H . 40.06 1.03 -21.22
O2 GLC H . 37.76 2.83 -22.13
O3 GLC H . 36.13 1.20 -20.48
O4 GLC H . 37.33 -1.41 -19.81
O5 GLC H . 39.15 -0.34 -22.86
O6 GLC H . 39.32 -3.63 -22.72
C1 GLC H . 35.96 -1.48 -19.35
C2 GLC H . 35.88 -2.45 -18.18
C3 GLC H . 36.25 -3.88 -18.54
C4 GLC H . 35.33 -4.32 -19.64
C5 GLC H . 35.25 -3.28 -20.75
C6 GLC H . 34.13 -3.69 -21.71
O2 GLC H . 36.66 -1.99 -17.11
O3 GLC H . 36.03 -4.82 -17.51
O4 GLC H . 35.87 -5.52 -20.09
O5 GLC H . 35.06 -1.91 -20.36
O6 GLC H . 34.26 -2.81 -22.79
C1 GLC H . 34.99 -6.66 -20.04
C2 GLC H . 35.74 -7.82 -19.39
C3 GLC H . 36.94 -8.17 -20.27
C4 GLC H . 36.47 -8.47 -21.68
C5 GLC H . 35.58 -7.35 -22.22
C6 GLC H . 34.97 -7.65 -23.59
O2 GLC H . 36.17 -7.46 -18.09
O3 GLC H . 37.56 -9.32 -19.72
O4 GLC H . 37.59 -8.71 -22.50
O5 GLC H . 34.52 -7.09 -21.31
O6 GLC H . 34.06 -8.74 -23.54
C1 GLC H . 37.56 -9.95 -23.32
C2 GLC H . 38.72 -10.84 -22.93
C3 GLC H . 40.07 -10.15 -23.26
C4 GLC H . 40.15 -9.71 -24.73
C5 GLC H . 38.87 -9.00 -25.09
C6 GLC H . 38.91 -8.65 -26.57
O2 GLC H . 38.65 -11.27 -21.58
O3 GLC H . 41.06 -11.11 -23.14
O4 GLC H . 41.30 -8.93 -25.04
O5 GLC H . 37.71 -9.78 -24.73
O6 GLC H . 37.88 -9.38 -27.16
C1 GLC I . 26.23 -19.69 9.29
C2 GLC I . 27.14 -19.06 8.25
C3 GLC I . 26.91 -19.53 6.80
C4 GLC I . 26.81 -21.04 6.61
C5 GLC I . 26.18 -21.64 7.89
C6 GLC I . 26.42 -23.14 7.96
O2 GLC I . 26.92 -17.67 8.33
O3 GLC I . 27.93 -19.01 5.94
O4 GLC I . 25.91 -21.35 5.51
O5 GLC I . 26.52 -21.05 9.16
O6 GLC I . 25.15 -23.77 7.84
C1 GLC I . 26.39 -21.34 4.13
C2 GLC I . 25.49 -20.45 3.27
C3 GLC I . 24.16 -21.16 3.02
C4 GLC I . 24.29 -22.49 2.26
C5 GLC I . 25.72 -23.11 2.44
C6 GLC I . 26.59 -23.01 1.18
O2 GLC I . 25.31 -19.16 3.85
O3 GLC I . 23.29 -20.31 2.30
O4 GLC I . 23.24 -23.39 2.67
O5 GLC I . 26.50 -22.64 3.56
O6 GLC I . 26.38 -24.10 0.30
C1 GLC I . 22.18 -23.77 1.71
C2 GLC I . 21.06 -22.72 1.45
C3 GLC I . 19.64 -22.94 2.09
C4 GLC I . 19.31 -24.36 2.54
C5 GLC I . 20.59 -24.94 3.12
C6 GLC I . 20.35 -26.29 3.81
O2 GLC I . 21.50 -21.39 1.65
O3 GLC I . 18.56 -22.49 1.28
O4 GLC I . 18.20 -24.40 3.43
O5 GLC I . 21.55 -25.01 2.05
O6 GLC I . 19.96 -27.20 2.82
C1 GOL J . 26.16 0.60 -19.71
O1 GOL J . 24.69 0.79 -19.80
C2 GOL J . 27.17 1.36 -20.64
O2 GOL J . 27.95 0.51 -21.52
C3 GOL J . 28.18 2.10 -19.75
O3 GOL J . 29.37 2.49 -20.46
C1 GOL K . 24.08 -0.97 2.88
O1 GOL K . 23.79 -2.05 3.79
C2 GOL K . 22.91 0.02 2.78
O2 GOL K . 22.70 0.53 4.09
C3 GOL K . 23.15 1.23 1.87
O3 GOL K . 23.67 1.01 0.52
MG MG L . 14.49 19.21 -12.05
#